data_4H4G
#
_entry.id   4H4G
#
_cell.length_a   136.370
_cell.length_b   136.370
_cell.length_c   364.520
_cell.angle_alpha   90.000
_cell.angle_beta   90.000
_cell.angle_gamma   120.000
#
_symmetry.space_group_name_H-M   'P 61 2 2'
#
loop_
_entity.id
_entity.type
_entity.pdbx_description
1 polymer '(3R)-hydroxymyristoyl-[acyl-carrier-protein] dehydratase'
2 water water
#
_entity_poly.entity_id   1
_entity_poly.type   'polypeptide(L)'
_entity_poly.pdbx_seq_one_letter_code
;MRRTIMSTEKINFDIHKILTLLPHRYPILLVDRVLELEPHKSIKALKNVTVNEPFFTGHFPKRPVMPGVLIIEALAQAAA
LLTFAEAEPKDPENTLYYFVGIDNARFKRVVEPGDQLILNVTFERYIRGIWKFKAVAEVDGKVAAEAELMCTVKTADAAP
;
_entity_poly.pdbx_strand_id   A,B,C,D,E,F,G,H,I
#
# COMPACT_ATOMS: atom_id res chain seq x y z
N PHE A 13 13.79 -1.48 0.46
CA PHE A 13 13.81 -0.69 -0.77
C PHE A 13 12.99 0.61 -0.69
N ASP A 14 13.25 1.51 -1.62
CA ASP A 14 12.76 2.90 -1.51
C ASP A 14 11.65 3.32 -2.48
N ILE A 15 11.23 4.57 -2.33
CA ILE A 15 10.08 5.06 -3.07
C ILE A 15 10.30 4.76 -4.54
N HIS A 16 11.55 4.70 -4.97
CA HIS A 16 11.77 4.42 -6.38
C HIS A 16 11.44 2.97 -6.77
N LYS A 17 11.79 1.97 -5.94
CA LYS A 17 11.37 0.59 -6.25
C LYS A 17 9.85 0.58 -6.09
N ILE A 18 9.32 1.17 -5.02
CA ILE A 18 7.88 1.21 -4.85
C ILE A 18 7.17 1.66 -6.14
N LEU A 19 7.61 2.77 -6.78
CA LEU A 19 7.00 3.22 -8.04
C LEU A 19 7.01 2.16 -9.15
N THR A 20 8.08 1.39 -9.24
CA THR A 20 8.16 0.29 -10.19
C THR A 20 7.21 -0.91 -9.91
N LEU A 21 6.59 -0.99 -8.74
CA LEU A 21 5.76 -2.17 -8.39
C LEU A 21 4.26 -1.92 -8.18
N LEU A 22 3.91 -0.73 -7.71
CA LEU A 22 2.50 -0.37 -7.61
C LEU A 22 2.13 0.51 -8.79
N PRO A 23 0.90 0.39 -9.28
CA PRO A 23 0.42 1.27 -10.36
C PRO A 23 -0.12 2.61 -9.84
N HIS A 24 -0.48 2.61 -8.55
CA HIS A 24 -0.99 3.79 -7.83
C HIS A 24 -0.12 5.02 -7.97
N ARG A 25 -0.77 6.17 -8.01
CA ARG A 25 -0.06 7.44 -8.04
C ARG A 25 -0.81 8.47 -7.25
N TYR A 26 -0.19 9.62 -7.12
CA TYR A 26 -0.80 10.77 -6.52
C TYR A 26 -2.22 10.96 -7.05
N PRO A 27 -3.18 11.22 -6.17
CA PRO A 27 -3.02 11.45 -4.73
C PRO A 27 -3.32 10.26 -3.86
N ILE A 28 -3.13 9.04 -4.33
CA ILE A 28 -3.49 7.89 -3.53
C ILE A 28 -2.40 6.79 -3.43
N LEU A 29 -1.17 7.11 -3.83
CA LEU A 29 0.00 6.31 -3.44
C LEU A 29 0.41 6.61 -2.00
N LEU A 30 0.37 5.62 -1.11
CA LEU A 30 0.45 5.87 0.33
C LEU A 30 1.47 4.97 1.07
N VAL A 31 2.51 4.58 0.36
CA VAL A 31 3.66 3.98 0.98
C VAL A 31 4.91 4.75 0.51
N ASP A 32 5.75 5.20 1.44
CA ASP A 32 6.95 5.92 1.02
C ASP A 32 8.18 5.03 0.90
N ARG A 33 8.22 3.96 1.71
CA ARG A 33 9.44 3.18 1.89
C ARG A 33 9.17 1.81 2.50
N VAL A 34 9.79 0.76 1.94
CA VAL A 34 9.78 -0.54 2.61
C VAL A 34 11.01 -0.73 3.55
N LEU A 35 10.74 -0.93 4.84
CA LEU A 35 11.79 -1.07 5.85
C LEU A 35 12.30 -2.52 6.03
N GLU A 36 11.40 -3.49 6.03
CA GLU A 36 11.80 -4.89 6.08
C GLU A 36 10.83 -5.68 5.18
N LEU A 37 11.34 -6.72 4.55
CA LEU A 37 10.53 -7.58 3.73
C LEU A 37 10.96 -9.05 3.88
N GLU A 38 10.10 -9.88 4.46
CA GLU A 38 10.31 -11.34 4.41
C GLU A 38 9.52 -11.80 3.20
N PRO A 39 10.19 -12.04 2.08
CA PRO A 39 9.42 -12.24 0.85
C PRO A 39 8.29 -13.29 0.98
N HIS A 40 7.10 -12.93 0.52
CA HIS A 40 6.00 -13.89 0.43
C HIS A 40 5.45 -14.25 1.81
N LYS A 41 6.00 -13.63 2.85
CA LYS A 41 5.52 -13.87 4.21
C LYS A 41 5.12 -12.55 4.91
N SER A 42 6.00 -11.55 4.91
CA SER A 42 5.62 -10.31 5.59
C SER A 42 6.36 -9.07 5.15
N ILE A 43 5.86 -7.92 5.61
CA ILE A 43 6.40 -6.62 5.19
C ILE A 43 6.23 -5.58 6.31
N LYS A 44 7.24 -4.75 6.48
CA LYS A 44 7.15 -3.58 7.36
C LYS A 44 7.42 -2.41 6.44
N ALA A 45 6.42 -1.57 6.19
CA ALA A 45 6.63 -0.40 5.32
C ALA A 45 6.39 0.89 6.10
N LEU A 46 6.71 2.02 5.47
CA LEU A 46 6.55 3.32 6.12
C LEU A 46 5.66 4.26 5.33
N LYS A 47 4.83 4.98 6.06
CA LYS A 47 4.04 6.05 5.46
C LYS A 47 4.16 7.32 6.30
N ASN A 48 4.89 8.29 5.75
CA ASN A 48 5.00 9.59 6.40
C ASN A 48 3.69 10.38 6.31
N VAL A 49 3.30 10.89 7.47
CA VAL A 49 2.11 11.68 7.62
C VAL A 49 2.50 13.13 7.83
N THR A 50 2.11 13.98 6.87
CA THR A 50 2.41 15.42 6.96
C THR A 50 1.21 16.26 6.60
N VAL A 51 1.14 17.44 7.20
CA VAL A 51 0.01 18.34 6.96
C VAL A 51 -0.09 18.75 5.48
N ASN A 52 1.02 18.65 4.75
CA ASN A 52 1.06 19.05 3.35
C ASN A 52 0.51 17.98 2.37
N GLU A 53 -0.54 17.29 2.82
CA GLU A 53 -1.18 16.28 1.99
C GLU A 53 -2.57 16.80 1.66
N PRO A 54 -2.98 16.53 0.42
CA PRO A 54 -4.22 17.06 -0.16
C PRO A 54 -5.49 16.75 0.67
N PHE A 55 -5.54 15.65 1.42
CA PHE A 55 -6.77 15.35 2.14
C PHE A 55 -6.97 16.20 3.38
N PHE A 56 -5.91 16.81 3.88
CA PHE A 56 -6.02 17.38 5.22
C PHE A 56 -6.84 18.67 5.18
N THR A 57 -6.90 19.30 4.03
CA THR A 57 -7.57 20.57 3.93
C THR A 57 -9.06 20.37 4.20
N GLY A 58 -9.60 19.25 3.78
CA GLY A 58 -10.98 18.90 4.09
C GLY A 58 -11.34 18.01 5.23
N HIS A 59 -10.33 17.45 5.89
CA HIS A 59 -10.57 16.48 6.88
C HIS A 59 -9.70 16.78 8.04
N PHE A 60 -9.97 17.78 8.83
CA PHE A 60 -11.09 18.68 8.71
C PHE A 60 -10.53 20.06 8.77
N PRO A 61 -11.23 21.00 8.21
CA PRO A 61 -10.75 22.37 8.13
C PRO A 61 -10.23 22.95 9.47
N LYS A 62 -10.94 22.70 10.55
CA LYS A 62 -10.49 23.14 11.87
C LYS A 62 -9.19 22.46 12.33
N ARG A 63 -9.09 21.17 12.04
CA ARG A 63 -8.27 20.24 12.80
C ARG A 63 -7.83 19.08 11.89
N PRO A 64 -6.54 19.00 11.57
CA PRO A 64 -6.18 17.85 10.73
C PRO A 64 -6.31 16.51 11.47
N VAL A 65 -6.87 15.51 10.78
CA VAL A 65 -7.04 14.15 11.28
C VAL A 65 -6.82 13.24 10.07
N MET A 66 -5.96 12.24 10.16
CA MET A 66 -5.80 11.41 8.97
C MET A 66 -7.02 10.52 8.87
N PRO A 67 -7.57 10.36 7.67
CA PRO A 67 -8.79 9.54 7.68
C PRO A 67 -8.52 8.05 7.93
N GLY A 68 -9.30 7.43 8.81
CA GLY A 68 -9.21 6.00 9.08
C GLY A 68 -9.08 5.13 7.83
N VAL A 69 -9.89 5.41 6.82
CA VAL A 69 -9.90 4.59 5.63
C VAL A 69 -8.62 4.70 4.82
N LEU A 70 -7.86 5.79 4.96
CA LEU A 70 -6.61 5.93 4.20
C LEU A 70 -5.46 5.19 4.90
N ILE A 71 -5.57 5.02 6.20
CA ILE A 71 -4.66 4.13 6.90
C ILE A 71 -4.89 2.74 6.34
N ILE A 72 -6.15 2.32 6.26
CA ILE A 72 -6.46 0.99 5.70
C ILE A 72 -5.85 0.89 4.30
N GLU A 73 -6.00 1.94 3.51
CA GLU A 73 -5.53 1.90 2.12
C GLU A 73 -4.01 1.75 2.07
N ALA A 74 -3.33 2.43 3.01
CA ALA A 74 -1.87 2.33 3.13
C ALA A 74 -1.43 0.87 3.43
N LEU A 75 -2.05 0.27 4.45
CA LEU A 75 -1.85 -1.17 4.79
C LEU A 75 -2.08 -2.09 3.60
N ALA A 76 -3.11 -1.78 2.82
CA ALA A 76 -3.46 -2.55 1.65
C ALA A 76 -2.42 -2.44 0.54
N GLN A 77 -1.74 -1.31 0.47
CA GLN A 77 -0.73 -1.15 -0.57
C GLN A 77 0.59 -1.80 -0.13
N ALA A 78 0.80 -1.86 1.17
CA ALA A 78 1.90 -2.62 1.72
C ALA A 78 1.66 -4.09 1.32
N ALA A 79 0.41 -4.57 1.42
CA ALA A 79 0.10 -5.96 1.03
C ALA A 79 0.32 -6.18 -0.45
N ALA A 80 -0.01 -5.18 -1.25
CA ALA A 80 0.27 -5.26 -2.67
C ALA A 80 1.77 -5.40 -2.89
N LEU A 81 2.56 -4.61 -2.15
CA LEU A 81 3.99 -4.66 -2.30
C LEU A 81 4.50 -6.04 -1.97
N LEU A 82 4.06 -6.55 -0.83
CA LEU A 82 4.35 -7.93 -0.42
C LEU A 82 4.05 -8.97 -1.51
N THR A 83 2.93 -8.80 -2.19
CA THR A 83 2.46 -9.76 -3.19
C THR A 83 3.29 -9.69 -4.44
N PHE A 84 3.77 -8.49 -4.76
CA PHE A 84 4.41 -8.23 -6.04
C PHE A 84 5.93 -8.21 -5.95
N ALA A 85 6.47 -8.18 -4.73
CA ALA A 85 7.89 -7.82 -4.53
C ALA A 85 8.89 -8.71 -5.26
N GLU A 86 8.98 -9.98 -4.88
CA GLU A 86 10.00 -10.87 -5.44
C GLU A 86 9.45 -11.84 -6.50
N ALA A 87 8.30 -11.52 -7.07
CA ALA A 87 7.60 -12.43 -7.96
C ALA A 87 7.74 -11.99 -9.40
N LEU A 96 -3.11 -4.16 -11.72
CA LEU A 96 -4.12 -3.43 -10.91
C LEU A 96 -4.58 -4.13 -9.65
N TYR A 97 -4.81 -3.36 -8.60
CA TYR A 97 -5.03 -3.92 -7.27
C TYR A 97 -6.42 -3.60 -6.74
N TYR A 98 -7.11 -4.66 -6.30
CA TYR A 98 -8.55 -4.59 -5.96
C TYR A 98 -8.87 -5.12 -4.56
N PHE A 99 -9.60 -4.31 -3.80
CA PHE A 99 -10.00 -4.69 -2.45
C PHE A 99 -11.21 -5.62 -2.57
N VAL A 100 -11.22 -6.69 -1.79
CA VAL A 100 -12.31 -7.65 -1.82
C VAL A 100 -12.99 -7.68 -0.47
N GLY A 101 -12.22 -7.50 0.59
CA GLY A 101 -12.81 -7.52 1.91
C GLY A 101 -11.98 -6.77 2.93
N ILE A 102 -12.64 -6.41 4.03
CA ILE A 102 -12.00 -5.79 5.15
C ILE A 102 -12.72 -6.33 6.34
N ASP A 103 -11.98 -6.93 7.27
CA ASP A 103 -12.60 -7.51 8.43
C ASP A 103 -11.90 -7.18 9.70
N ASN A 104 -12.68 -7.03 10.77
CA ASN A 104 -12.12 -6.76 12.10
C ASN A 104 -11.17 -5.61 12.08
N ALA A 105 -11.62 -4.55 11.44
CA ALA A 105 -10.85 -3.33 11.38
C ALA A 105 -11.30 -2.53 12.57
N ARG A 106 -10.37 -2.26 13.48
CA ARG A 106 -10.63 -1.34 14.56
C ARG A 106 -9.62 -0.17 14.43
N PHE A 107 -10.03 1.04 14.81
CA PHE A 107 -9.15 2.22 14.79
C PHE A 107 -8.89 2.68 16.25
N LYS A 108 -7.65 2.52 16.71
CA LYS A 108 -7.38 2.65 18.13
C LYS A 108 -6.63 3.97 18.44
N ARG A 109 -6.32 4.78 17.42
CA ARG A 109 -5.60 6.06 17.65
C ARG A 109 -5.85 7.06 16.55
N VAL A 110 -5.93 8.33 16.92
CA VAL A 110 -5.94 9.42 15.95
C VAL A 110 -4.53 9.76 15.46
N VAL A 111 -4.27 9.44 14.21
CA VAL A 111 -3.01 9.72 13.50
C VAL A 111 -2.88 11.16 12.97
N GLU A 112 -1.78 11.86 13.28
CA GLU A 112 -1.63 13.27 12.89
C GLU A 112 -0.41 13.64 12.03
N PRO A 113 -0.47 14.81 11.39
CA PRO A 113 0.77 15.38 10.84
C PRO A 113 1.92 15.24 11.83
N GLY A 114 3.04 14.72 11.33
CA GLY A 114 4.17 14.44 12.19
C GLY A 114 4.39 12.96 12.53
N ASP A 115 3.32 12.16 12.48
CA ASP A 115 3.42 10.73 12.82
C ASP A 115 4.00 9.93 11.68
N GLN A 116 4.82 8.95 12.02
CA GLN A 116 5.20 7.94 11.04
C GLN A 116 4.33 6.72 11.21
N LEU A 117 3.66 6.36 10.14
CA LEU A 117 2.77 5.23 10.15
C LEU A 117 3.61 4.01 9.76
N ILE A 118 3.92 3.16 10.73
CA ILE A 118 4.57 1.89 10.43
C ILE A 118 3.55 0.85 9.94
N LEU A 119 3.75 0.38 8.72
CA LEU A 119 2.78 -0.48 8.05
C LEU A 119 3.22 -1.93 8.16
N ASN A 120 2.64 -2.65 9.10
CA ASN A 120 2.99 -4.05 9.29
C ASN A 120 1.96 -4.95 8.62
N VAL A 121 2.40 -5.69 7.61
CA VAL A 121 1.47 -6.59 6.92
C VAL A 121 2.00 -8.02 6.78
N THR A 122 1.26 -8.96 7.35
CA THR A 122 1.62 -10.35 7.24
C THR A 122 0.68 -11.03 6.29
N PHE A 123 1.24 -11.79 5.36
CA PHE A 123 0.45 -12.62 4.47
C PHE A 123 0.01 -13.89 5.21
N GLU A 124 -1.26 -14.25 5.04
CA GLU A 124 -1.82 -15.41 5.74
C GLU A 124 -2.22 -16.56 4.81
N ARG A 125 -3.09 -16.29 3.83
CA ARG A 125 -3.57 -17.36 2.96
C ARG A 125 -4.06 -16.87 1.60
N TYR A 126 -3.79 -17.69 0.58
CA TYR A 126 -4.31 -17.50 -0.76
C TYR A 126 -5.19 -18.69 -1.14
N ILE A 127 -6.50 -18.55 -1.08
CA ILE A 127 -7.40 -19.57 -1.62
C ILE A 127 -8.30 -18.92 -2.65
N ARG A 128 -8.25 -19.49 -3.86
CA ARG A 128 -9.23 -19.16 -4.92
C ARG A 128 -9.22 -17.67 -5.28
N GLY A 129 -8.02 -17.16 -5.59
CA GLY A 129 -7.87 -15.81 -6.10
C GLY A 129 -7.95 -14.72 -5.05
N ILE A 130 -8.17 -15.11 -3.80
CA ILE A 130 -8.15 -14.13 -2.73
C ILE A 130 -6.93 -14.26 -1.84
N TRP A 131 -6.14 -13.19 -1.78
CA TRP A 131 -5.05 -13.07 -0.82
C TRP A 131 -5.63 -12.49 0.48
N LYS A 132 -5.32 -13.12 1.62
CA LYS A 132 -5.76 -12.62 2.92
C LYS A 132 -4.53 -12.21 3.76
N PHE A 133 -4.69 -11.18 4.59
CA PHE A 133 -3.58 -10.55 5.29
C PHE A 133 -4.05 -10.07 6.66
N LYS A 134 -3.18 -10.13 7.66
CA LYS A 134 -3.42 -9.46 8.92
C LYS A 134 -2.57 -8.21 8.78
N ALA A 135 -3.10 -7.07 9.20
CA ALA A 135 -2.44 -5.79 9.01
C ALA A 135 -2.50 -4.96 10.28
N VAL A 136 -1.39 -4.31 10.63
CA VAL A 136 -1.35 -3.41 11.79
C VAL A 136 -0.56 -2.15 11.43
N ALA A 137 -1.17 -1.01 11.73
CA ALA A 137 -0.51 0.27 11.56
C ALA A 137 -0.17 0.79 12.95
N GLU A 138 1.11 1.10 13.18
CA GLU A 138 1.57 1.57 14.49
C GLU A 138 2.11 2.98 14.35
N VAL A 139 1.88 3.78 15.38
CA VAL A 139 2.51 5.08 15.51
C VAL A 139 3.24 5.09 16.86
N ASP A 140 4.55 5.36 16.81
CA ASP A 140 5.36 5.48 18.03
C ASP A 140 5.26 4.18 18.81
N GLY A 141 5.32 3.08 18.08
CA GLY A 141 5.21 1.74 18.64
C GLY A 141 3.86 1.32 19.19
N LYS A 142 2.90 2.23 19.27
CA LYS A 142 1.61 1.92 19.84
C LYS A 142 0.65 1.67 18.65
N VAL A 143 -0.41 0.89 18.82
CA VAL A 143 -1.22 0.52 17.66
C VAL A 143 -2.17 1.63 17.27
N ALA A 144 -2.22 1.92 15.96
CA ALA A 144 -3.14 2.93 15.44
C ALA A 144 -4.38 2.32 14.81
N ALA A 145 -4.19 1.30 13.99
CA ALA A 145 -5.30 0.63 13.32
C ALA A 145 -4.91 -0.81 13.04
N GLU A 146 -5.89 -1.71 13.03
CA GLU A 146 -5.60 -3.11 12.77
C GLU A 146 -6.72 -3.64 11.93
N ALA A 147 -6.44 -4.57 11.02
CA ALA A 147 -7.51 -5.08 10.16
C ALA A 147 -7.07 -6.34 9.44
N GLU A 148 -8.05 -7.12 8.97
CA GLU A 148 -7.78 -8.24 8.07
C GLU A 148 -8.18 -7.78 6.68
N LEU A 149 -7.32 -8.01 5.70
CA LEU A 149 -7.57 -7.50 4.35
C LEU A 149 -7.67 -8.63 3.33
N MET A 150 -8.60 -8.50 2.40
CA MET A 150 -8.68 -9.48 1.34
C MET A 150 -8.62 -8.72 0.05
N CYS A 151 -7.74 -9.16 -0.85
CA CYS A 151 -7.42 -8.41 -2.05
C CYS A 151 -7.27 -9.40 -3.17
N THR A 152 -7.16 -8.89 -4.38
CA THR A 152 -6.96 -9.74 -5.54
C THR A 152 -6.45 -8.81 -6.62
N VAL A 153 -5.76 -9.39 -7.60
CA VAL A 153 -5.03 -8.63 -8.62
C VAL A 153 -5.66 -8.98 -9.97
N LYS A 154 -6.01 -7.97 -10.78
CA LYS A 154 -6.69 -8.21 -12.07
C LYS A 154 -5.84 -7.80 -13.29
N THR A 155 -6.33 -8.15 -14.49
CA THR A 155 -5.59 -7.92 -15.73
C THR A 155 -4.16 -8.35 -15.59
N ASN B 12 -35.55 13.71 3.07
CA ASN B 12 -35.24 14.42 1.81
C ASN B 12 -34.53 15.81 1.95
N PHE B 13 -33.23 15.92 1.61
CA PHE B 13 -32.51 17.23 1.57
C PHE B 13 -31.19 17.29 0.76
N ASP B 14 -30.73 18.50 0.46
CA ASP B 14 -29.70 18.69 -0.58
C ASP B 14 -28.25 18.91 -0.11
N ILE B 15 -27.33 19.12 -1.07
CA ILE B 15 -25.92 19.39 -0.74
C ILE B 15 -25.72 20.55 0.28
N HIS B 16 -26.51 21.62 0.14
CA HIS B 16 -26.39 22.77 1.04
C HIS B 16 -26.71 22.41 2.45
N LYS B 17 -27.74 21.57 2.60
CA LYS B 17 -28.12 21.07 3.92
C LYS B 17 -27.01 20.20 4.47
N ILE B 18 -26.45 19.36 3.59
CA ILE B 18 -25.38 18.45 3.97
C ILE B 18 -24.21 19.25 4.51
N LEU B 19 -23.87 20.34 3.81
CA LEU B 19 -22.76 21.21 4.22
C LEU B 19 -22.89 21.80 5.64
N THR B 20 -24.10 21.84 6.17
CA THR B 20 -24.32 22.39 7.51
C THR B 20 -24.30 21.30 8.58
N LEU B 21 -24.30 20.03 8.15
CA LEU B 21 -24.37 18.88 9.05
C LEU B 21 -23.07 18.08 9.13
N LEU B 22 -22.19 18.23 8.13
CA LEU B 22 -20.91 17.52 8.17
C LEU B 22 -19.75 18.55 8.11
N PRO B 23 -18.67 18.30 8.86
CA PRO B 23 -17.55 19.24 8.77
C PRO B 23 -16.66 18.90 7.59
N HIS B 24 -16.86 17.73 6.98
CA HIS B 24 -16.03 17.29 5.88
C HIS B 24 -16.06 18.28 4.72
N ARG B 25 -14.94 18.43 4.03
CA ARG B 25 -14.88 19.30 2.88
C ARG B 25 -13.97 18.65 1.87
N TYR B 26 -13.90 19.30 0.72
CA TYR B 26 -13.10 18.83 -0.38
C TYR B 26 -11.67 18.58 0.06
N PRO B 27 -11.08 17.45 -0.32
CA PRO B 27 -11.55 16.56 -1.38
C PRO B 27 -12.19 15.29 -0.86
N ILE B 28 -12.63 15.33 0.39
CA ILE B 28 -13.15 14.15 1.08
C ILE B 28 -14.58 14.36 1.71
N LEU B 29 -15.43 15.10 1.02
CA LEU B 29 -16.87 15.15 1.31
C LEU B 29 -17.53 14.32 0.24
N LEU B 30 -18.17 13.21 0.61
CA LEU B 30 -18.53 12.21 -0.41
C LEU B 30 -19.99 11.87 -0.38
N VAL B 31 -20.81 12.83 0.04
CA VAL B 31 -22.24 12.71 -0.05
C VAL B 31 -22.83 13.93 -0.78
N ASP B 32 -23.46 13.71 -1.93
CA ASP B 32 -23.98 14.82 -2.67
C ASP B 32 -25.39 15.19 -2.29
N ARG B 33 -26.14 14.24 -1.73
CA ARG B 33 -27.58 14.42 -1.55
C ARG B 33 -28.20 13.30 -0.72
N VAL B 34 -29.18 13.64 0.12
CA VAL B 34 -29.90 12.65 0.92
C VAL B 34 -31.29 12.38 0.31
N LEU B 35 -31.52 11.17 -0.18
CA LEU B 35 -32.74 10.88 -0.94
C LEU B 35 -33.95 10.65 -0.03
N GLU B 36 -33.81 9.76 0.95
CA GLU B 36 -34.79 9.54 2.01
C GLU B 36 -34.07 9.39 3.33
N LEU B 37 -34.48 10.08 4.40
CA LEU B 37 -34.00 9.76 5.77
C LEU B 37 -35.22 9.43 6.61
N GLU B 38 -35.18 8.28 7.28
CA GLU B 38 -36.13 7.98 8.36
C GLU B 38 -35.36 8.17 9.67
N PRO B 39 -35.48 9.36 10.27
CA PRO B 39 -34.63 9.86 11.37
C PRO B 39 -34.21 8.81 12.40
N HIS B 40 -32.98 8.87 12.86
CA HIS B 40 -32.53 8.02 13.94
C HIS B 40 -32.68 6.51 13.59
N LYS B 41 -33.00 6.18 12.35
CA LYS B 41 -33.25 4.80 11.97
C LYS B 41 -32.66 4.38 10.61
N SER B 42 -32.93 5.11 9.51
CA SER B 42 -32.23 4.80 8.25
C SER B 42 -32.06 6.00 7.30
N ILE B 43 -31.22 5.83 6.29
CA ILE B 43 -30.93 6.90 5.35
C ILE B 43 -30.55 6.32 4.03
N LYS B 44 -31.10 6.89 2.97
CA LYS B 44 -30.66 6.61 1.62
C LYS B 44 -30.01 7.89 1.12
N ALA B 45 -28.77 7.80 0.67
CA ALA B 45 -28.01 8.98 0.28
C ALA B 45 -27.37 8.74 -1.06
N LEU B 46 -27.09 9.83 -1.77
CA LEU B 46 -26.49 9.72 -3.11
C LEU B 46 -25.08 10.33 -3.12
N LYS B 47 -24.20 9.70 -3.87
CA LYS B 47 -22.88 10.20 -4.16
C LYS B 47 -22.60 9.93 -5.62
N ASN B 48 -22.55 10.98 -6.41
CA ASN B 48 -22.22 10.86 -7.82
C ASN B 48 -20.73 10.65 -8.02
N VAL B 49 -20.40 9.79 -8.98
CA VAL B 49 -19.03 9.46 -9.31
C VAL B 49 -18.80 9.92 -10.74
N THR B 50 -17.82 10.80 -10.90
CA THR B 50 -17.43 11.36 -12.20
C THR B 50 -15.89 11.29 -12.33
N VAL B 51 -15.40 11.25 -13.57
CA VAL B 51 -13.97 11.10 -13.84
C VAL B 51 -13.20 12.37 -13.42
N ASN B 52 -13.94 13.44 -13.17
CA ASN B 52 -13.37 14.71 -12.77
C ASN B 52 -13.21 14.77 -11.23
N GLU B 53 -13.00 13.63 -10.58
CA GLU B 53 -12.63 13.71 -9.15
C GLU B 53 -11.12 13.48 -8.95
N PRO B 54 -10.54 14.17 -7.96
CA PRO B 54 -9.07 14.26 -7.86
C PRO B 54 -8.35 12.89 -7.72
N PHE B 55 -8.95 11.92 -7.03
CA PHE B 55 -8.32 10.61 -6.88
C PHE B 55 -8.18 9.79 -8.16
N PHE B 56 -9.02 10.04 -9.16
CA PHE B 56 -9.06 9.17 -10.34
C PHE B 56 -7.78 9.21 -11.16
N THR B 57 -7.04 10.30 -11.05
CA THR B 57 -5.85 10.46 -11.86
C THR B 57 -4.69 9.55 -11.40
N GLY B 58 -4.73 9.07 -10.17
CA GLY B 58 -3.78 8.07 -9.73
C GLY B 58 -4.42 6.78 -9.22
N HIS B 59 -5.68 6.54 -9.58
CA HIS B 59 -6.32 5.28 -9.22
C HIS B 59 -7.31 4.82 -10.27
N PHE B 60 -6.83 4.34 -11.41
CA PHE B 60 -5.42 4.20 -11.70
C PHE B 60 -5.18 4.89 -13.02
N PRO B 61 -3.92 5.28 -13.27
CA PRO B 61 -3.56 6.00 -14.48
C PRO B 61 -4.12 5.35 -15.76
N LYS B 62 -3.81 4.10 -16.02
CA LYS B 62 -4.37 3.49 -17.22
C LYS B 62 -5.94 3.50 -17.16
N ARG B 63 -6.47 3.21 -15.99
CA ARG B 63 -7.82 2.76 -15.88
C ARG B 63 -8.51 3.31 -14.62
N PRO B 64 -9.54 4.18 -14.78
CA PRO B 64 -10.23 4.67 -13.55
C PRO B 64 -11.05 3.64 -12.77
N VAL B 65 -10.94 3.69 -11.44
CA VAL B 65 -11.53 2.72 -10.54
C VAL B 65 -11.74 3.37 -9.18
N MET B 66 -12.97 3.45 -8.70
CA MET B 66 -13.15 4.13 -7.42
C MET B 66 -12.53 3.33 -6.29
N PRO B 67 -11.57 3.92 -5.58
CA PRO B 67 -11.05 3.22 -4.40
C PRO B 67 -12.16 2.67 -3.49
N GLY B 68 -12.17 1.35 -3.32
CA GLY B 68 -13.02 0.71 -2.34
C GLY B 68 -13.09 1.44 -0.99
N VAL B 69 -11.96 1.91 -0.49
CA VAL B 69 -11.95 2.51 0.84
C VAL B 69 -12.76 3.79 0.83
N LEU B 70 -12.94 4.34 -0.38
CA LEU B 70 -13.69 5.58 -0.53
C LEU B 70 -15.20 5.35 -0.50
N ILE B 71 -15.66 4.22 -1.03
CA ILE B 71 -17.04 3.79 -0.87
C ILE B 71 -17.36 3.64 0.65
N ILE B 72 -16.46 3.00 1.39
CA ILE B 72 -16.64 2.90 2.85
C ILE B 72 -16.75 4.29 3.47
N GLU B 73 -15.88 5.22 3.02
CA GLU B 73 -15.93 6.61 3.51
C GLU B 73 -17.28 7.29 3.22
N ALA B 74 -17.79 7.08 2.01
CA ALA B 74 -19.03 7.69 1.62
C ALA B 74 -20.16 7.14 2.50
N LEU B 75 -20.16 5.82 2.73
CA LEU B 75 -21.18 5.15 3.56
C LEU B 75 -21.12 5.64 5.01
N ALA B 76 -19.91 5.86 5.49
CA ALA B 76 -19.72 6.39 6.84
C ALA B 76 -20.22 7.83 6.97
N GLN B 77 -20.05 8.62 5.92
CA GLN B 77 -20.61 9.94 5.94
C GLN B 77 -22.14 9.85 5.87
N ALA B 78 -22.64 8.93 5.04
CA ALA B 78 -24.07 8.67 4.96
C ALA B 78 -24.60 8.37 6.36
N ALA B 79 -23.81 7.63 7.14
CA ALA B 79 -24.15 7.23 8.52
C ALA B 79 -24.07 8.36 9.56
N ALA B 80 -23.18 9.31 9.35
CA ALA B 80 -23.11 10.47 10.23
C ALA B 80 -24.33 11.34 10.09
N LEU B 81 -24.83 11.41 8.85
CA LEU B 81 -26.00 12.22 8.51
C LEU B 81 -27.20 11.66 9.26
N LEU B 82 -27.39 10.34 9.19
CA LEU B 82 -28.36 9.64 10.03
C LEU B 82 -28.26 10.08 11.51
N THR B 83 -27.03 10.18 11.99
CA THR B 83 -26.76 10.48 13.37
C THR B 83 -27.08 11.91 13.80
N PHE B 84 -26.71 12.91 12.98
CA PHE B 84 -26.69 14.31 13.42
C PHE B 84 -27.90 15.14 12.94
N ALA B 85 -28.68 14.58 12.02
CA ALA B 85 -29.94 15.18 11.59
C ALA B 85 -30.98 14.98 12.70
N GLU B 86 -32.04 15.79 12.69
CA GLU B 86 -33.02 15.76 13.78
C GLU B 86 -32.32 15.79 15.14
N ALA B 87 -31.42 16.77 15.33
CA ALA B 87 -30.69 16.95 16.57
C ALA B 87 -30.34 18.43 16.79
N PHE B 99 -15.21 7.44 13.68
CA PHE B 99 -15.14 6.19 12.90
C PHE B 99 -14.24 5.19 13.61
N VAL B 100 -14.85 4.18 14.22
CA VAL B 100 -14.13 3.29 15.12
C VAL B 100 -13.85 1.91 14.54
N GLY B 101 -14.75 1.43 13.68
CA GLY B 101 -14.64 0.07 13.20
C GLY B 101 -15.38 -0.27 11.93
N ILE B 102 -14.79 -1.16 11.16
CA ILE B 102 -15.41 -1.73 9.98
C ILE B 102 -15.43 -3.23 10.23
N ASP B 103 -16.53 -3.89 9.84
CA ASP B 103 -16.66 -5.34 9.85
C ASP B 103 -17.34 -5.95 8.64
N ASN B 104 -16.91 -7.12 8.26
CA ASN B 104 -17.64 -7.85 7.27
C ASN B 104 -17.87 -6.97 6.07
N ALA B 105 -16.87 -6.17 5.72
CA ALA B 105 -16.97 -5.40 4.49
C ALA B 105 -16.62 -6.29 3.30
N ARG B 106 -17.52 -6.40 2.33
CA ARG B 106 -17.16 -7.07 1.07
C ARG B 106 -17.44 -6.13 -0.13
N PHE B 107 -16.53 -6.12 -1.10
CA PHE B 107 -16.64 -5.31 -2.32
C PHE B 107 -16.96 -6.27 -3.48
N LYS B 108 -18.18 -6.21 -4.00
CA LYS B 108 -18.58 -7.08 -5.08
C LYS B 108 -18.44 -6.50 -6.45
N ARG B 109 -18.60 -5.22 -6.56
CA ARG B 109 -18.52 -4.57 -7.90
C ARG B 109 -17.54 -3.40 -7.97
N VAL B 110 -16.84 -3.28 -9.10
CA VAL B 110 -16.00 -2.11 -9.40
C VAL B 110 -16.92 -0.95 -9.68
N VAL B 111 -16.78 0.15 -8.93
CA VAL B 111 -17.54 1.38 -9.17
C VAL B 111 -16.77 2.34 -10.10
N GLU B 112 -17.42 2.88 -11.13
CA GLU B 112 -16.75 3.70 -12.14
C GLU B 112 -17.40 5.07 -12.36
N PRO B 113 -16.70 5.98 -13.03
CA PRO B 113 -17.23 7.27 -13.46
C PRO B 113 -18.57 7.15 -14.21
N GLY B 114 -19.55 7.95 -13.85
CA GLY B 114 -20.88 7.73 -14.40
C GLY B 114 -21.82 7.03 -13.45
N ASP B 115 -21.35 6.10 -12.61
CA ASP B 115 -22.19 5.52 -11.58
C ASP B 115 -22.79 6.56 -10.65
N GLN B 116 -24.04 6.33 -10.27
CA GLN B 116 -24.64 7.08 -9.19
C GLN B 116 -24.58 6.08 -8.06
N LEU B 117 -23.83 6.43 -7.03
CA LEU B 117 -23.61 5.49 -5.96
C LEU B 117 -24.70 5.76 -4.94
N ILE B 118 -25.61 4.80 -4.79
CA ILE B 118 -26.68 4.91 -3.79
C ILE B 118 -26.23 4.35 -2.49
N LEU B 119 -26.23 5.20 -1.47
CA LEU B 119 -25.68 4.89 -0.17
C LEU B 119 -26.80 4.57 0.80
N ASN B 120 -27.00 3.28 1.07
CA ASN B 120 -27.98 2.82 2.06
C ASN B 120 -27.30 2.51 3.42
N VAL B 121 -27.86 3.08 4.48
CA VAL B 121 -27.33 2.87 5.84
C VAL B 121 -28.46 2.74 6.89
N THR B 122 -28.55 1.57 7.53
CA THR B 122 -29.53 1.31 8.61
C THR B 122 -28.82 1.28 9.98
N PHE B 123 -29.48 1.82 11.00
CA PHE B 123 -28.97 1.79 12.37
C PHE B 123 -29.24 0.42 12.99
N GLU B 124 -28.21 -0.27 13.52
CA GLU B 124 -28.38 -1.65 13.96
C GLU B 124 -28.17 -1.86 15.49
N ARG B 125 -27.58 -0.90 16.20
CA ARG B 125 -27.50 -0.95 17.67
C ARG B 125 -26.71 0.24 18.23
N TYR B 126 -26.77 0.52 19.53
CA TYR B 126 -25.94 1.59 20.11
C TYR B 126 -25.66 1.40 21.60
N TRP B 131 -22.39 3.42 18.46
CA TRP B 131 -23.25 3.47 17.28
C TRP B 131 -22.74 2.50 16.21
N LYS B 132 -23.48 1.41 16.00
CA LYS B 132 -23.21 0.43 14.93
C LYS B 132 -24.22 0.60 13.78
N PHE B 133 -23.82 0.26 12.56
CA PHE B 133 -24.67 0.42 11.38
C PHE B 133 -24.44 -0.72 10.41
N LYS B 134 -25.46 -1.12 9.67
CA LYS B 134 -25.26 -1.95 8.51
C LYS B 134 -25.33 -1.03 7.28
N ALA B 135 -24.45 -1.26 6.32
CA ALA B 135 -24.29 -0.36 5.18
C ALA B 135 -24.19 -1.12 3.89
N VAL B 136 -24.88 -0.63 2.87
CA VAL B 136 -24.85 -1.23 1.56
C VAL B 136 -24.84 -0.11 0.52
N ALA B 137 -23.84 -0.12 -0.33
CA ALA B 137 -23.71 0.86 -1.36
C ALA B 137 -24.12 0.11 -2.59
N GLU B 138 -25.13 0.66 -3.27
CA GLU B 138 -25.69 0.04 -4.46
C GLU B 138 -25.38 0.94 -5.65
N VAL B 139 -25.09 0.32 -6.80
CA VAL B 139 -25.07 1.01 -8.11
C VAL B 139 -25.98 0.32 -9.14
N ASP B 140 -26.90 1.07 -9.73
CA ASP B 140 -27.86 0.48 -10.67
C ASP B 140 -28.57 -0.74 -10.05
N GLY B 141 -28.86 -0.67 -8.74
CA GLY B 141 -29.62 -1.70 -8.05
C GLY B 141 -28.84 -2.97 -7.67
N LYS B 142 -27.67 -3.14 -8.27
CA LYS B 142 -26.76 -4.19 -7.82
C LYS B 142 -26.01 -3.66 -6.59
N VAL B 143 -25.54 -4.56 -5.72
CA VAL B 143 -24.72 -4.18 -4.56
C VAL B 143 -23.27 -3.99 -4.96
N ALA B 144 -22.68 -2.84 -4.63
CA ALA B 144 -21.30 -2.54 -5.04
C ALA B 144 -20.36 -2.99 -3.93
N ALA B 145 -20.81 -2.78 -2.70
CA ALA B 145 -20.05 -3.09 -1.52
C ALA B 145 -20.98 -3.00 -0.33
N GLU B 146 -20.62 -3.68 0.77
CA GLU B 146 -21.38 -3.70 2.02
C GLU B 146 -20.46 -3.80 3.23
N ALA B 147 -20.90 -3.27 4.35
CA ALA B 147 -20.03 -3.23 5.51
C ALA B 147 -20.75 -2.81 6.79
N GLU B 148 -20.23 -3.28 7.91
CA GLU B 148 -20.74 -2.85 9.19
C GLU B 148 -19.81 -1.75 9.65
N LEU B 149 -20.36 -0.70 10.24
CA LEU B 149 -19.60 0.48 10.61
C LEU B 149 -19.85 0.83 12.09
N MET B 150 -18.81 1.24 12.81
CA MET B 150 -18.97 1.62 14.20
C MET B 150 -18.40 3.02 14.52
N CYS B 151 -19.08 3.80 15.37
CA CYS B 151 -18.63 5.16 15.71
C CYS B 151 -18.85 5.46 17.18
N ASN C 12 8.28 -65.22 35.09
CA ASN C 12 8.90 -63.88 35.30
C ASN C 12 10.42 -63.70 34.97
N PHE C 13 10.72 -62.62 34.24
CA PHE C 13 12.10 -62.29 33.83
C PHE C 13 12.45 -60.79 33.71
N ASP C 14 13.75 -60.54 33.53
CA ASP C 14 14.29 -59.22 33.76
C ASP C 14 14.73 -58.52 32.45
N ILE C 15 15.22 -57.28 32.58
CA ILE C 15 15.65 -56.48 31.44
C ILE C 15 16.67 -57.20 30.54
N HIS C 16 17.54 -58.00 31.15
CA HIS C 16 18.55 -58.74 30.41
C HIS C 16 17.97 -59.74 29.43
N LYS C 17 16.92 -60.42 29.90
CA LYS C 17 16.17 -61.36 29.06
C LYS C 17 15.38 -60.58 27.99
N ILE C 18 14.69 -59.51 28.42
CA ILE C 18 13.98 -58.66 27.49
C ILE C 18 14.87 -58.27 26.32
N LEU C 19 16.07 -57.83 26.67
CA LEU C 19 16.98 -57.31 25.67
C LEU C 19 17.25 -58.36 24.62
N THR C 20 17.22 -59.63 24.99
CA THR C 20 17.44 -60.71 24.03
C THR C 20 16.19 -61.12 23.23
N LEU C 21 14.99 -60.77 23.69
CA LEU C 21 13.76 -61.06 22.92
C LEU C 21 13.26 -59.91 22.01
N LEU C 22 13.79 -58.69 22.17
CA LEU C 22 13.26 -57.51 21.43
C LEU C 22 14.35 -56.81 20.66
N PRO C 23 14.06 -56.43 19.41
CA PRO C 23 15.08 -55.66 18.70
C PRO C 23 15.19 -54.19 19.18
N HIS C 24 14.08 -53.68 19.68
CA HIS C 24 14.00 -52.28 20.12
C HIS C 24 15.10 -51.87 21.15
N ARG C 25 15.64 -50.69 20.90
CA ARG C 25 16.63 -50.10 21.75
C ARG C 25 16.31 -48.63 22.02
N TYR C 26 17.15 -48.03 22.82
CA TYR C 26 16.99 -46.68 23.24
C TYR C 26 16.98 -45.76 22.03
N PRO C 27 16.05 -44.79 22.00
CA PRO C 27 15.21 -44.31 23.11
C PRO C 27 13.76 -44.75 23.01
N ILE C 28 13.56 -45.97 22.53
CA ILE C 28 12.22 -46.49 22.34
C ILE C 28 12.07 -47.99 22.69
N LEU C 29 12.90 -48.48 23.61
CA LEU C 29 12.65 -49.73 24.35
C LEU C 29 11.92 -49.35 25.61
N LEU C 30 10.66 -49.76 25.73
CA LEU C 30 9.77 -49.27 26.77
C LEU C 30 9.15 -50.39 27.63
N VAL C 31 9.92 -51.43 27.89
CA VAL C 31 9.50 -52.42 28.86
C VAL C 31 10.74 -52.73 29.68
N ASP C 32 10.59 -52.72 31.01
CA ASP C 32 11.73 -52.86 31.92
C ASP C 32 11.85 -54.23 32.53
N ARG C 33 10.74 -54.96 32.57
CA ARG C 33 10.67 -56.19 33.34
C ARG C 33 9.35 -56.93 33.05
N VAL C 34 9.41 -58.25 33.02
CA VAL C 34 8.21 -59.06 32.93
C VAL C 34 7.90 -59.66 34.31
N LEU C 35 6.71 -59.35 34.83
CA LEU C 35 6.25 -59.80 36.14
C LEU C 35 5.50 -61.14 36.12
N GLU C 36 4.71 -61.37 35.07
CA GLU C 36 3.99 -62.64 34.89
C GLU C 36 3.85 -62.95 33.41
N LEU C 37 3.94 -64.23 33.07
CA LEU C 37 3.78 -64.68 31.70
C LEU C 37 3.09 -66.05 31.64
N GLU C 38 1.84 -66.10 31.20
CA GLU C 38 1.18 -67.34 30.80
C GLU C 38 1.42 -67.53 29.31
N PRO C 39 2.44 -68.31 28.91
CA PRO C 39 2.93 -68.29 27.52
C PRO C 39 1.86 -68.34 26.44
N HIS C 40 2.02 -67.46 25.44
CA HIS C 40 1.14 -67.46 24.28
C HIS C 40 -0.30 -67.13 24.62
N LYS C 41 -0.56 -66.81 25.87
CA LYS C 41 -1.90 -66.46 26.34
C LYS C 41 -1.90 -65.03 26.94
N SER C 42 -0.98 -64.73 27.87
CA SER C 42 -0.98 -63.39 28.45
C SER C 42 0.29 -62.96 29.21
N ILE C 43 0.37 -61.67 29.48
CA ILE C 43 1.56 -61.09 30.06
C ILE C 43 1.23 -59.89 30.96
N LYS C 44 2.06 -59.72 31.98
CA LYS C 44 2.02 -58.54 32.83
C LYS C 44 3.45 -58.04 32.88
N ALA C 45 3.70 -56.91 32.24
CA ALA C 45 5.04 -56.30 32.26
C ALA C 45 5.05 -54.97 33.01
N LEU C 46 6.26 -54.45 33.20
CA LEU C 46 6.46 -53.24 33.94
C LEU C 46 7.23 -52.26 33.08
N LYS C 47 6.74 -51.02 33.02
CA LYS C 47 7.52 -49.87 32.56
C LYS C 47 7.58 -48.78 33.66
N ASN C 48 8.77 -48.54 34.19
CA ASN C 48 8.96 -47.45 35.14
C ASN C 48 8.98 -46.11 34.43
N VAL C 49 8.19 -45.16 34.92
CA VAL C 49 8.19 -43.81 34.37
C VAL C 49 9.09 -42.91 35.27
N THR C 50 10.10 -42.29 34.67
CA THR C 50 10.98 -41.38 35.40
C THR C 50 11.21 -40.08 34.61
N VAL C 51 11.51 -38.99 35.31
CA VAL C 51 11.57 -37.69 34.65
C VAL C 51 12.80 -37.61 33.76
N ASN C 52 13.77 -38.45 34.07
CA ASN C 52 14.97 -38.57 33.26
C ASN C 52 14.84 -39.34 31.91
N GLU C 53 13.70 -39.23 31.26
CA GLU C 53 13.49 -39.89 29.98
C GLU C 53 13.51 -38.81 28.90
N PRO C 54 14.08 -39.11 27.72
CA PRO C 54 14.29 -38.08 26.71
C PRO C 54 13.00 -37.42 26.17
N PHE C 55 11.83 -38.03 26.29
CA PHE C 55 10.65 -37.37 25.75
C PHE C 55 10.16 -36.26 26.65
N PHE C 56 10.46 -36.33 27.94
CA PHE C 56 9.86 -35.38 28.89
C PHE C 56 10.27 -33.93 28.67
N THR C 57 11.49 -33.73 28.20
CA THR C 57 12.00 -32.40 27.91
C THR C 57 11.06 -31.65 26.94
N GLY C 58 10.35 -32.39 26.08
CA GLY C 58 9.55 -31.79 25.04
C GLY C 58 8.08 -31.97 25.25
N HIS C 59 7.69 -32.69 26.29
CA HIS C 59 6.31 -33.08 26.48
C HIS C 59 5.89 -33.07 27.98
N PHE C 60 5.67 -31.90 28.58
CA PHE C 60 5.86 -30.61 27.93
C PHE C 60 6.88 -29.81 28.70
N PRO C 61 7.50 -28.81 28.07
CA PRO C 61 8.47 -28.00 28.81
C PRO C 61 7.95 -27.57 30.20
N LYS C 62 6.77 -26.97 30.26
CA LYS C 62 6.35 -26.55 31.59
C LYS C 62 6.16 -27.74 32.55
N ARG C 63 5.75 -28.89 32.01
CA ARG C 63 4.97 -29.90 32.75
C ARG C 63 5.09 -31.29 32.06
N PRO C 64 5.72 -32.26 32.75
CA PRO C 64 5.94 -33.58 32.14
C PRO C 64 4.70 -34.46 32.17
N VAL C 65 4.31 -34.93 30.98
CA VAL C 65 3.15 -35.77 30.79
C VAL C 65 3.64 -36.91 29.93
N MET C 66 3.42 -38.15 30.32
CA MET C 66 3.81 -39.20 29.39
C MET C 66 2.91 -39.19 28.14
N PRO C 67 3.52 -39.16 26.94
CA PRO C 67 2.62 -39.19 25.77
C PRO C 67 1.80 -40.48 25.70
N GLY C 68 0.49 -40.33 25.47
CA GLY C 68 -0.40 -41.46 25.35
C GLY C 68 0.08 -42.41 24.26
N VAL C 69 0.61 -41.90 23.14
CA VAL C 69 1.14 -42.81 22.12
C VAL C 69 2.31 -43.65 22.58
N LEU C 70 3.05 -43.22 23.59
CA LEU C 70 4.15 -44.05 24.10
C LEU C 70 3.64 -45.14 25.09
N ILE C 71 2.48 -44.92 25.68
CA ILE C 71 1.87 -45.95 26.50
C ILE C 71 1.41 -47.13 25.59
N ILE C 72 0.74 -46.79 24.48
CA ILE C 72 0.38 -47.77 23.46
C ILE C 72 1.63 -48.54 22.97
N GLU C 73 2.69 -47.80 22.69
CA GLU C 73 3.95 -48.41 22.21
C GLU C 73 4.49 -49.36 23.24
N ALA C 74 4.42 -48.98 24.52
CA ALA C 74 4.92 -49.85 25.58
C ALA C 74 4.09 -51.16 25.62
N LEU C 75 2.76 -51.03 25.56
CA LEU C 75 1.85 -52.17 25.49
C LEU C 75 2.15 -53.08 24.30
N ALA C 76 2.43 -52.49 23.13
CA ALA C 76 2.76 -53.31 21.98
C ALA C 76 4.10 -54.05 22.16
N GLN C 77 5.00 -53.53 22.98
CA GLN C 77 6.27 -54.27 23.18
C GLN C 77 6.09 -55.42 24.17
N ALA C 78 5.15 -55.27 25.11
CA ALA C 78 4.71 -56.37 25.95
C ALA C 78 4.01 -57.42 25.08
N ALA C 79 3.05 -57.01 24.26
CA ALA C 79 2.54 -57.92 23.23
C ALA C 79 3.66 -58.70 22.47
N ALA C 80 4.75 -58.02 22.09
CA ALA C 80 5.82 -58.66 21.33
C ALA C 80 6.55 -59.71 22.17
N LEU C 81 6.82 -59.39 23.44
CA LEU C 81 7.37 -60.38 24.37
C LEU C 81 6.46 -61.64 24.53
N LEU C 82 5.15 -61.42 24.58
CA LEU C 82 4.19 -62.52 24.68
C LEU C 82 4.37 -63.45 23.50
N THR C 83 4.54 -62.82 22.34
CA THR C 83 4.65 -63.50 21.06
C THR C 83 5.99 -64.26 20.97
N PHE C 84 7.06 -63.56 21.31
CA PHE C 84 8.40 -64.06 21.06
C PHE C 84 8.92 -65.00 22.18
N ALA C 85 8.39 -64.85 23.39
CA ALA C 85 8.81 -65.70 24.51
C ALA C 85 8.27 -67.14 24.35
N GLU C 86 9.04 -68.07 24.91
CA GLU C 86 8.85 -69.52 24.76
C GLU C 86 8.65 -69.91 23.30
N ALA C 87 9.54 -69.39 22.44
CA ALA C 87 9.48 -69.58 21.00
C ALA C 87 10.84 -69.27 20.39
N THR C 95 14.25 -59.88 12.76
CA THR C 95 12.82 -60.10 13.06
C THR C 95 12.28 -58.85 13.78
N LEU C 96 11.47 -58.09 13.05
CA LEU C 96 10.94 -56.82 13.51
C LEU C 96 9.43 -56.87 13.73
N TYR C 97 8.96 -55.91 14.53
CA TYR C 97 7.58 -55.90 14.98
C TYR C 97 6.91 -54.59 14.52
N TYR C 98 5.73 -54.71 13.89
CA TYR C 98 5.04 -53.54 13.30
C TYR C 98 3.58 -53.48 13.71
N PHE C 99 3.05 -52.27 13.87
CA PHE C 99 1.62 -52.08 14.10
C PHE C 99 0.94 -52.18 12.75
N VAL C 100 -0.18 -52.88 12.70
CA VAL C 100 -1.03 -52.94 11.53
C VAL C 100 -2.36 -52.25 11.86
N GLY C 101 -2.80 -52.37 13.11
CA GLY C 101 -3.95 -51.61 13.57
C GLY C 101 -4.11 -51.43 15.08
N ILE C 102 -4.79 -50.35 15.47
CA ILE C 102 -5.13 -50.04 16.86
C ILE C 102 -6.63 -49.69 16.88
N ASP C 103 -7.43 -50.33 17.75
CA ASP C 103 -8.86 -50.02 17.83
C ASP C 103 -9.28 -49.74 19.27
N ASN C 104 -10.35 -48.98 19.45
CA ASN C 104 -10.88 -48.69 20.77
C ASN C 104 -9.85 -48.34 21.83
N ALA C 105 -8.89 -47.52 21.44
CA ALA C 105 -7.86 -47.04 22.35
C ALA C 105 -8.44 -45.86 23.12
N ARG C 106 -8.57 -46.01 24.44
CA ARG C 106 -8.98 -44.91 25.33
C ARG C 106 -7.88 -44.53 26.37
N PHE C 107 -7.66 -43.23 26.56
CA PHE C 107 -6.70 -42.76 27.57
C PHE C 107 -7.49 -42.17 28.72
N LYS C 108 -7.36 -42.77 29.91
CA LYS C 108 -8.22 -42.45 31.05
C LYS C 108 -7.52 -41.63 32.16
N ARG C 109 -6.28 -41.98 32.50
CA ARG C 109 -5.49 -41.30 33.56
C ARG C 109 -4.20 -40.74 32.93
N VAL C 110 -3.85 -39.50 33.25
CA VAL C 110 -2.52 -38.96 32.87
C VAL C 110 -1.33 -39.67 33.63
N VAL C 111 -0.37 -40.24 32.91
CA VAL C 111 0.79 -40.92 33.52
C VAL C 111 1.99 -39.93 33.72
N GLU C 112 2.67 -40.05 34.87
CA GLU C 112 3.79 -39.15 35.24
C GLU C 112 5.01 -39.83 35.82
N PRO C 113 6.16 -39.11 35.79
CA PRO C 113 7.37 -39.48 36.54
C PRO C 113 6.99 -39.93 37.93
N GLY C 114 7.45 -41.12 38.36
CA GLY C 114 7.04 -41.72 39.62
C GLY C 114 6.13 -42.96 39.46
N ASP C 115 5.39 -43.04 38.35
CA ASP C 115 4.38 -44.08 38.16
C ASP C 115 5.02 -45.38 37.69
N GLN C 116 4.54 -46.50 38.21
CA GLN C 116 4.88 -47.76 37.57
C GLN C 116 3.72 -48.16 36.67
N LEU C 117 4.04 -48.20 35.39
CA LEU C 117 3.08 -48.53 34.38
C LEU C 117 3.10 -50.06 34.25
N ILE C 118 2.04 -50.69 34.75
CA ILE C 118 1.79 -52.12 34.65
C ILE C 118 1.06 -52.42 33.34
N LEU C 119 1.72 -53.22 32.51
CA LEU C 119 1.33 -53.46 31.12
C LEU C 119 0.68 -54.82 30.99
N ASN C 120 -0.63 -54.85 30.85
CA ASN C 120 -1.37 -56.10 30.74
C ASN C 120 -1.82 -56.39 29.30
N VAL C 121 -1.33 -57.48 28.74
CA VAL C 121 -1.68 -57.87 27.38
C VAL C 121 -2.14 -59.32 27.38
N THR C 122 -3.36 -59.52 26.92
CA THR C 122 -3.85 -60.86 26.85
C THR C 122 -4.02 -61.12 25.34
N PHE C 123 -3.61 -62.26 24.84
CA PHE C 123 -3.68 -62.59 23.40
C PHE C 123 -5.01 -63.08 22.94
N GLU C 124 -5.48 -62.62 21.81
CA GLU C 124 -6.84 -62.86 21.41
C GLU C 124 -7.03 -63.69 20.13
N ARG C 125 -6.38 -63.30 19.04
CA ARG C 125 -6.55 -64.01 17.78
C ARG C 125 -5.31 -63.94 16.90
N TYR C 126 -5.18 -64.91 16.01
CA TYR C 126 -4.13 -64.88 14.99
C TYR C 126 -4.69 -65.29 13.65
N ILE C 127 -4.31 -64.55 12.61
CA ILE C 127 -4.76 -64.82 11.26
C ILE C 127 -3.99 -64.06 10.16
N ARG C 128 -3.48 -64.82 9.20
CA ARG C 128 -2.89 -64.29 7.99
C ARG C 128 -1.93 -63.18 8.40
N GLY C 129 -1.02 -63.54 9.31
CA GLY C 129 0.08 -62.68 9.73
C GLY C 129 -0.15 -61.76 10.94
N ILE C 130 -1.41 -61.55 11.32
CA ILE C 130 -1.80 -60.52 12.25
C ILE C 130 -2.12 -61.06 13.60
N TRP C 131 -1.41 -60.60 14.62
CA TRP C 131 -1.74 -60.95 15.99
C TRP C 131 -2.63 -59.89 16.58
N LYS C 132 -3.64 -60.31 17.32
CA LYS C 132 -4.51 -59.36 17.98
C LYS C 132 -4.55 -59.57 19.50
N PHE C 133 -4.47 -58.46 20.24
CA PHE C 133 -4.37 -58.43 21.71
C PHE C 133 -5.38 -57.46 22.36
N LYS C 134 -5.95 -57.78 23.53
CA LYS C 134 -6.61 -56.76 24.38
C LYS C 134 -5.49 -56.29 25.30
N ALA C 135 -5.34 -54.97 25.42
CA ALA C 135 -4.24 -54.41 26.20
C ALA C 135 -4.71 -53.35 27.20
N VAL C 136 -4.16 -53.42 28.41
CA VAL C 136 -4.51 -52.50 29.50
C VAL C 136 -3.28 -52.05 30.29
N ALA C 137 -3.10 -50.73 30.41
CA ALA C 137 -2.03 -50.14 31.19
C ALA C 137 -2.63 -49.57 32.49
N GLU C 138 -2.04 -49.95 33.60
CA GLU C 138 -2.55 -49.55 34.92
C GLU C 138 -1.50 -48.77 35.67
N VAL C 139 -1.95 -47.74 36.39
CA VAL C 139 -1.11 -47.07 37.36
C VAL C 139 -1.80 -47.23 38.71
N ASP C 140 -1.06 -47.72 39.69
CA ASP C 140 -1.62 -47.99 41.02
C ASP C 140 -3.03 -48.58 40.96
N GLY C 141 -3.22 -49.65 40.20
CA GLY C 141 -4.50 -50.32 40.23
C GLY C 141 -5.60 -49.70 39.39
N LYS C 142 -5.53 -48.40 39.14
CA LYS C 142 -6.48 -47.75 38.23
C LYS C 142 -6.04 -47.85 36.71
N VAL C 143 -7.00 -47.74 35.79
CA VAL C 143 -6.72 -47.88 34.37
C VAL C 143 -6.22 -46.57 33.83
N ALA C 144 -5.06 -46.60 33.20
CA ALA C 144 -4.50 -45.39 32.62
C ALA C 144 -4.81 -45.41 31.15
N ALA C 145 -4.75 -46.58 30.51
CA ALA C 145 -5.18 -46.67 29.12
C ALA C 145 -5.51 -48.12 28.69
N GLU C 146 -6.32 -48.23 27.64
CA GLU C 146 -6.72 -49.51 27.08
C GLU C 146 -6.78 -49.41 25.57
N ALA C 147 -6.43 -50.49 24.90
CA ALA C 147 -6.52 -50.50 23.46
C ALA C 147 -6.62 -51.95 23.00
N GLU C 148 -7.12 -52.12 21.78
CA GLU C 148 -6.92 -53.37 21.06
C GLU C 148 -5.84 -53.13 20.03
N LEU C 149 -4.85 -54.02 20.06
CA LEU C 149 -3.66 -53.94 19.23
C LEU C 149 -3.59 -55.07 18.22
N MET C 150 -3.23 -54.73 16.98
CA MET C 150 -2.97 -55.72 15.92
C MET C 150 -1.60 -55.50 15.33
N CYS C 151 -0.78 -56.54 15.36
CA CYS C 151 0.64 -56.41 15.05
C CYS C 151 1.09 -57.54 14.19
N THR C 152 2.15 -57.32 13.45
CA THR C 152 2.65 -58.36 12.60
C THR C 152 4.17 -58.48 12.84
N VAL C 153 4.76 -59.56 12.34
CA VAL C 153 6.17 -59.79 12.44
C VAL C 153 6.70 -59.92 11.03
N LYS C 154 7.80 -59.26 10.71
CA LYS C 154 8.39 -59.43 9.37
C LYS C 154 9.90 -59.62 9.51
N THR C 155 10.47 -60.39 8.58
CA THR C 155 11.82 -60.99 8.68
C THR C 155 12.09 -61.57 10.06
N PHE D 13 12.02 31.79 -27.47
CA PHE D 13 11.12 30.65 -27.64
C PHE D 13 10.05 30.41 -26.52
N ASP D 14 9.12 29.50 -26.82
CA ASP D 14 7.86 29.45 -26.11
C ASP D 14 7.73 28.24 -25.18
N ILE D 15 6.56 28.13 -24.54
CA ILE D 15 6.29 27.10 -23.51
C ILE D 15 6.42 25.70 -24.09
N HIS D 16 6.21 25.55 -25.38
CA HIS D 16 6.46 24.24 -25.99
C HIS D 16 7.97 23.87 -26.07
N LYS D 17 8.86 24.77 -26.52
CA LYS D 17 10.30 24.43 -26.53
C LYS D 17 10.67 24.21 -25.05
N ILE D 18 10.28 25.14 -24.19
CA ILE D 18 10.52 24.98 -22.77
C ILE D 18 10.16 23.56 -22.28
N LEU D 19 9.03 23.02 -22.72
CA LEU D 19 8.60 21.69 -22.25
C LEU D 19 9.49 20.57 -22.78
N THR D 20 10.06 20.77 -23.96
CA THR D 20 11.01 19.80 -24.50
C THR D 20 12.39 19.85 -23.84
N LEU D 21 12.68 20.88 -23.04
CA LEU D 21 14.01 21.06 -22.46
C LEU D 21 14.04 20.79 -20.94
N LEU D 22 12.97 21.12 -20.22
CA LEU D 22 12.95 20.94 -18.78
C LEU D 22 12.13 19.71 -18.38
N PRO D 23 12.52 19.02 -17.32
CA PRO D 23 11.70 17.92 -16.82
C PRO D 23 10.59 18.39 -15.84
N HIS D 24 10.66 19.64 -15.37
CA HIS D 24 9.73 20.16 -14.36
C HIS D 24 8.30 20.24 -14.90
N ARG D 25 7.34 19.83 -14.08
CA ARG D 25 5.95 19.92 -14.48
C ARG D 25 5.16 20.47 -13.32
N TYR D 26 3.87 20.62 -13.53
CA TYR D 26 2.97 21.20 -12.58
C TYR D 26 3.00 20.38 -11.28
N PRO D 27 3.04 21.05 -10.13
CA PRO D 27 2.86 22.47 -9.88
C PRO D 27 4.18 23.20 -9.62
N ILE D 28 5.26 22.76 -10.25
CA ILE D 28 6.54 23.45 -10.05
C ILE D 28 7.33 23.90 -11.30
N LEU D 29 6.66 23.91 -12.46
CA LEU D 29 7.28 24.42 -13.68
C LEU D 29 6.93 25.89 -13.71
N LEU D 30 7.93 26.74 -13.45
CA LEU D 30 7.70 28.16 -13.21
C LEU D 30 8.42 29.07 -14.19
N VAL D 31 8.50 28.62 -15.44
CA VAL D 31 8.93 29.47 -16.54
C VAL D 31 7.95 29.28 -17.69
N ASP D 32 7.48 30.41 -18.24
CA ASP D 32 6.44 30.39 -19.26
C ASP D 32 6.96 30.61 -20.67
N ARG D 33 8.11 31.27 -20.78
CA ARG D 33 8.56 31.75 -22.05
C ARG D 33 9.94 32.36 -21.96
N VAL D 34 10.67 32.25 -23.08
CA VAL D 34 12.03 32.75 -23.15
C VAL D 34 12.02 33.96 -24.06
N LEU D 35 12.35 35.10 -23.47
CA LEU D 35 12.41 36.39 -24.18
C LEU D 35 13.71 36.58 -24.97
N GLU D 36 14.86 36.32 -24.33
CA GLU D 36 16.18 36.51 -24.96
C GLU D 36 17.20 35.44 -24.51
N LEU D 37 18.08 35.04 -25.43
CA LEU D 37 19.01 33.95 -25.12
C LEU D 37 20.31 34.19 -25.84
N GLU D 38 21.31 34.58 -25.07
CA GLU D 38 22.69 34.64 -25.52
C GLU D 38 23.29 33.27 -25.15
N PRO D 39 23.35 32.34 -26.12
CA PRO D 39 23.57 30.91 -25.83
C PRO D 39 24.79 30.58 -24.97
N HIS D 40 24.58 29.94 -23.83
CA HIS D 40 25.64 29.57 -22.89
C HIS D 40 26.20 30.75 -22.11
N LYS D 41 25.61 31.92 -22.31
CA LYS D 41 26.10 33.10 -21.62
C LYS D 41 24.95 33.71 -20.79
N SER D 42 23.76 33.80 -21.36
CA SER D 42 22.68 34.40 -20.59
C SER D 42 21.32 34.28 -21.22
N ILE D 43 20.32 34.43 -20.36
CA ILE D 43 18.92 34.22 -20.71
C ILE D 43 18.05 35.26 -20.00
N LYS D 44 17.01 35.71 -20.66
CA LYS D 44 15.97 36.54 -20.07
C LYS D 44 14.71 35.74 -20.31
N ALA D 45 14.09 35.24 -19.24
CA ALA D 45 12.87 34.46 -19.38
C ALA D 45 11.73 35.14 -18.62
N LEU D 46 10.53 34.58 -18.75
CA LEU D 46 9.32 35.20 -18.25
C LEU D 46 8.48 34.19 -17.48
N LYS D 47 8.09 34.58 -16.28
CA LYS D 47 7.15 33.82 -15.47
C LYS D 47 5.93 34.70 -15.09
N ASN D 48 4.77 34.43 -15.69
CA ASN D 48 3.54 35.20 -15.38
C ASN D 48 2.99 34.79 -14.02
N VAL D 49 2.77 35.76 -13.15
CA VAL D 49 2.14 35.49 -11.85
C VAL D 49 0.60 35.74 -11.86
N THR D 50 -0.16 34.71 -11.47
CA THR D 50 -1.61 34.87 -11.41
C THR D 50 -2.18 34.27 -10.14
N VAL D 51 -3.32 34.79 -9.71
CA VAL D 51 -3.94 34.33 -8.47
C VAL D 51 -4.43 32.88 -8.60
N ASN D 52 -4.68 32.44 -9.85
CA ASN D 52 -5.01 31.05 -10.12
C ASN D 52 -3.82 30.06 -9.99
N GLU D 53 -2.88 30.33 -9.12
CA GLU D 53 -1.76 29.42 -8.97
C GLU D 53 -1.94 28.69 -7.67
N PRO D 54 -1.63 27.39 -7.66
CA PRO D 54 -1.96 26.58 -6.47
C PRO D 54 -1.35 27.10 -5.16
N PHE D 55 -0.20 27.78 -5.17
CA PHE D 55 0.42 28.12 -3.89
C PHE D 55 -0.27 29.28 -3.20
N PHE D 56 -1.07 30.05 -3.94
CA PHE D 56 -1.63 31.31 -3.38
C PHE D 56 -2.73 31.07 -2.37
N THR D 57 -3.47 30.00 -2.53
CA THR D 57 -4.44 29.58 -1.55
C THR D 57 -3.82 29.49 -0.13
N GLY D 58 -2.57 29.02 -0.04
CA GLY D 58 -1.91 28.87 1.24
C GLY D 58 -0.97 30.00 1.64
N HIS D 59 -0.65 30.87 0.68
CA HIS D 59 0.42 31.85 0.92
C HIS D 59 0.09 33.28 0.46
N PHE D 60 -0.68 34.05 1.24
CA PHE D 60 -1.38 33.57 2.42
C PHE D 60 -2.90 33.63 2.20
N PRO D 61 -3.68 32.97 3.06
CA PRO D 61 -5.14 33.03 2.88
C PRO D 61 -5.71 34.47 2.83
N LYS D 62 -5.30 35.32 3.75
CA LYS D 62 -5.80 36.70 3.72
C LYS D 62 -5.31 37.46 2.47
N ARG D 63 -4.02 37.34 2.20
CA ARG D 63 -3.29 38.23 1.28
C ARG D 63 -2.32 37.47 0.35
N PRO D 64 -2.64 37.34 -0.95
CA PRO D 64 -1.69 36.61 -1.84
C PRO D 64 -0.33 37.29 -1.95
N VAL D 65 0.72 36.52 -1.68
CA VAL D 65 2.11 36.95 -1.77
C VAL D 65 2.90 35.83 -2.46
N MET D 66 3.54 36.08 -3.60
CA MET D 66 4.34 35.00 -4.18
C MET D 66 5.49 34.65 -3.25
N PRO D 67 5.65 33.35 -2.92
CA PRO D 67 6.72 32.96 -2.00
C PRO D 67 8.14 33.22 -2.57
N GLY D 68 9.02 33.85 -1.79
CA GLY D 68 10.34 34.20 -2.29
C GLY D 68 11.11 32.99 -2.78
N VAL D 69 10.98 31.87 -2.08
CA VAL D 69 11.64 30.64 -2.52
C VAL D 69 11.23 30.23 -3.94
N LEU D 70 10.02 30.55 -4.39
CA LEU D 70 9.59 30.14 -5.73
C LEU D 70 10.08 31.07 -6.80
N ILE D 71 10.31 32.34 -6.44
CA ILE D 71 11.06 33.23 -7.33
C ILE D 71 12.42 32.60 -7.59
N ILE D 72 13.14 32.23 -6.52
CA ILE D 72 14.43 31.55 -6.68
C ILE D 72 14.31 30.30 -7.58
N GLU D 73 13.32 29.45 -7.29
CA GLU D 73 13.05 28.30 -8.12
C GLU D 73 12.87 28.70 -9.58
N ALA D 74 12.10 29.76 -9.84
CA ALA D 74 11.90 30.24 -11.22
C ALA D 74 13.26 30.69 -11.85
N LEU D 75 14.05 31.44 -11.10
CA LEU D 75 15.39 31.81 -11.56
C LEU D 75 16.25 30.57 -11.88
N ALA D 76 16.14 29.51 -11.08
CA ALA D 76 16.98 28.34 -11.33
C ALA D 76 16.49 27.55 -12.51
N GLN D 77 15.20 27.63 -12.82
CA GLN D 77 14.72 26.91 -14.01
C GLN D 77 15.16 27.60 -15.29
N ALA D 78 15.31 28.91 -15.16
CA ALA D 78 15.81 29.73 -16.23
C ALA D 78 17.27 29.35 -16.46
N ALA D 79 18.04 29.24 -15.36
CA ALA D 79 19.44 28.90 -15.46
C ALA D 79 19.55 27.57 -16.21
N ALA D 80 18.70 26.62 -15.84
CA ALA D 80 18.71 25.30 -16.47
C ALA D 80 18.40 25.40 -17.97
N LEU D 81 17.52 26.31 -18.37
CA LEU D 81 17.25 26.46 -19.80
C LEU D 81 18.53 26.97 -20.47
N LEU D 82 19.19 27.94 -19.83
CA LEU D 82 20.49 28.47 -20.31
C LEU D 82 21.48 27.34 -20.52
N THR D 83 21.56 26.45 -19.52
CA THR D 83 22.37 25.22 -19.58
C THR D 83 21.98 24.28 -20.74
N PHE D 84 20.75 23.75 -20.70
CA PHE D 84 20.27 22.75 -21.68
C PHE D 84 20.05 23.28 -23.14
N ALA D 85 19.99 24.60 -23.34
CA ALA D 85 19.67 25.12 -24.68
C ALA D 85 20.92 25.18 -25.57
N GLU D 86 20.68 25.18 -26.88
CA GLU D 86 21.74 25.01 -27.90
C GLU D 86 22.77 23.93 -27.48
N ALA D 87 22.27 22.72 -27.18
CA ALA D 87 23.09 21.59 -26.68
C ALA D 87 22.30 20.26 -26.72
N PRO D 92 15.93 13.66 -21.54
CA PRO D 92 14.83 14.65 -21.50
C PRO D 92 13.99 14.54 -20.21
N GLU D 93 13.61 13.31 -19.85
CA GLU D 93 12.90 12.99 -18.61
C GLU D 93 13.85 12.53 -17.51
N ASN D 94 15.05 12.09 -17.89
CA ASN D 94 15.94 11.43 -16.95
C ASN D 94 17.15 12.27 -16.52
N THR D 95 17.48 13.34 -17.25
CA THR D 95 18.50 14.27 -16.77
C THR D 95 17.80 15.32 -15.90
N LEU D 96 18.13 15.31 -14.61
CA LEU D 96 17.47 16.13 -13.60
C LEU D 96 18.33 17.29 -13.10
N TYR D 97 17.73 18.21 -12.33
CA TYR D 97 18.39 19.47 -12.02
C TYR D 97 18.31 19.79 -10.51
N TYR D 98 19.45 20.09 -9.88
CA TYR D 98 19.51 20.20 -8.42
C TYR D 98 20.29 21.39 -7.94
N PHE D 99 19.74 22.07 -6.96
CA PHE D 99 20.43 23.15 -6.34
C PHE D 99 21.53 22.50 -5.48
N VAL D 100 22.73 23.04 -5.59
CA VAL D 100 23.86 22.67 -4.74
C VAL D 100 24.13 23.81 -3.75
N GLY D 101 23.92 25.05 -4.19
CA GLY D 101 24.03 26.21 -3.32
C GLY D 101 23.28 27.46 -3.78
N ILE D 102 22.95 28.31 -2.81
CA ILE D 102 22.43 29.65 -3.07
C ILE D 102 23.16 30.63 -2.17
N ASP D 103 23.85 31.62 -2.76
CA ASP D 103 24.49 32.69 -1.98
C ASP D 103 23.92 34.08 -2.29
N ASN D 104 23.97 34.95 -1.29
CA ASN D 104 23.67 36.36 -1.51
C ASN D 104 22.34 36.62 -2.17
N ALA D 105 21.29 36.06 -1.58
CA ALA D 105 19.97 36.21 -2.14
C ALA D 105 19.24 37.23 -1.30
N ARG D 106 18.72 38.24 -2.00
CA ARG D 106 18.04 39.32 -1.35
C ARG D 106 16.69 39.54 -2.04
N PHE D 107 15.65 39.59 -1.22
CA PHE D 107 14.30 39.88 -1.70
C PHE D 107 13.97 41.34 -1.40
N LYS D 108 13.71 42.13 -2.44
CA LYS D 108 13.52 43.57 -2.29
C LYS D 108 12.05 44.05 -2.49
N ARG D 109 11.27 43.29 -3.24
CA ARG D 109 9.89 43.65 -3.54
C ARG D 109 8.98 42.44 -3.41
N VAL D 110 7.81 42.66 -2.83
CA VAL D 110 6.74 41.65 -2.82
C VAL D 110 6.14 41.49 -4.21
N VAL D 111 6.06 40.25 -4.70
CA VAL D 111 5.54 39.96 -6.05
C VAL D 111 4.10 39.39 -5.99
N GLU D 112 3.23 39.91 -6.86
CA GLU D 112 1.77 39.64 -6.77
C GLU D 112 1.11 39.16 -8.04
N PRO D 113 -0.10 38.58 -7.90
CA PRO D 113 -0.92 38.30 -9.09
C PRO D 113 -0.98 39.53 -9.98
N GLY D 114 -0.78 39.38 -11.28
CA GLY D 114 -0.64 40.54 -12.13
C GLY D 114 0.77 40.79 -12.63
N ASP D 115 1.75 40.59 -11.76
CA ASP D 115 3.15 40.86 -12.07
C ASP D 115 3.69 39.91 -13.14
N GLN D 116 4.43 40.46 -14.08
CA GLN D 116 5.29 39.61 -14.90
C GLN D 116 6.72 39.60 -14.34
N LEU D 117 7.14 38.42 -13.89
CA LEU D 117 8.47 38.22 -13.34
C LEU D 117 9.48 37.97 -14.47
N ILE D 118 10.27 39.00 -14.73
CA ILE D 118 11.40 38.88 -15.67
C ILE D 118 12.61 38.21 -15.00
N LEU D 119 13.02 37.11 -15.59
CA LEU D 119 13.98 36.20 -14.99
C LEU D 119 15.30 36.39 -15.71
N ASN D 120 16.20 37.19 -15.14
CA ASN D 120 17.54 37.39 -15.73
C ASN D 120 18.64 36.55 -15.07
N VAL D 121 19.29 35.73 -15.88
CA VAL D 121 20.32 34.81 -15.42
C VAL D 121 21.55 34.83 -16.35
N THR D 122 22.72 35.00 -15.73
CA THR D 122 23.97 35.02 -16.47
C THR D 122 24.89 33.93 -15.94
N PHE D 123 25.50 33.20 -16.88
CA PHE D 123 26.48 32.16 -16.54
C PHE D 123 27.81 32.82 -16.11
N GLU D 124 28.36 32.33 -15.01
CA GLU D 124 29.59 32.88 -14.43
C GLU D 124 30.74 31.85 -14.44
N ARG D 125 30.48 30.61 -14.09
CA ARG D 125 31.56 29.65 -13.97
C ARG D 125 31.09 28.21 -13.79
N TYR D 126 31.86 27.28 -14.35
CA TYR D 126 31.62 25.86 -14.19
C TYR D 126 32.84 25.17 -13.63
N ILE D 127 32.65 24.28 -12.66
CA ILE D 127 33.76 23.47 -12.24
C ILE D 127 33.32 22.22 -11.50
N ARG D 128 33.99 21.10 -11.78
CA ARG D 128 33.76 19.83 -11.08
C ARG D 128 32.24 19.57 -10.83
N GLY D 129 31.43 19.92 -11.84
CA GLY D 129 30.02 19.56 -11.84
C GLY D 129 29.03 20.67 -11.44
N ILE D 130 29.54 21.85 -11.15
CA ILE D 130 28.71 22.90 -10.61
C ILE D 130 28.65 24.04 -11.62
N TRP D 131 27.43 24.51 -11.90
CA TRP D 131 27.28 25.77 -12.62
C TRP D 131 26.97 26.88 -11.59
N LYS D 132 27.68 28.02 -11.63
CA LYS D 132 27.32 29.21 -10.83
C LYS D 132 26.70 30.19 -11.81
N PHE D 133 25.64 30.85 -11.36
CA PHE D 133 25.00 31.87 -12.16
C PHE D 133 24.79 33.06 -11.24
N LYS D 134 24.75 34.25 -11.83
CA LYS D 134 24.23 35.43 -11.16
C LYS D 134 22.80 35.60 -11.66
N ALA D 135 21.83 35.69 -10.74
CA ALA D 135 20.41 35.76 -11.13
C ALA D 135 19.69 36.98 -10.56
N VAL D 136 18.83 37.59 -11.37
CA VAL D 136 18.04 38.75 -10.93
C VAL D 136 16.62 38.64 -11.47
N ALA D 137 15.62 38.61 -10.58
CA ALA D 137 14.23 38.67 -11.02
C ALA D 137 13.71 40.09 -10.89
N GLU D 138 13.11 40.61 -11.96
CA GLU D 138 12.51 41.97 -11.92
C GLU D 138 11.01 42.00 -12.13
N VAL D 139 10.36 42.96 -11.47
CA VAL D 139 8.98 43.29 -11.78
C VAL D 139 8.91 44.76 -12.19
N ASP D 140 8.43 44.97 -13.41
CA ASP D 140 8.35 46.30 -14.00
C ASP D 140 9.66 47.09 -13.89
N GLY D 141 10.78 46.50 -14.30
CA GLY D 141 12.06 47.23 -14.34
C GLY D 141 12.64 47.46 -12.95
N LYS D 142 11.98 46.94 -11.93
CA LYS D 142 12.46 47.09 -10.57
C LYS D 142 12.89 45.67 -10.09
N VAL D 143 13.93 45.62 -9.27
CA VAL D 143 14.47 44.37 -8.78
C VAL D 143 13.57 43.80 -7.69
N ALA D 144 13.03 42.62 -7.96
CA ALA D 144 12.22 41.91 -7.00
C ALA D 144 13.18 41.05 -6.17
N ALA D 145 14.08 40.36 -6.85
CA ALA D 145 14.99 39.47 -6.16
C ALA D 145 16.30 39.25 -6.93
N GLU D 146 17.36 38.91 -6.19
CA GLU D 146 18.64 38.56 -6.80
C GLU D 146 19.36 37.54 -5.91
N ALA D 147 20.11 36.65 -6.57
CA ALA D 147 20.81 35.57 -5.87
C ALA D 147 21.99 35.05 -6.71
N GLU D 148 22.92 34.39 -6.05
CA GLU D 148 23.89 33.61 -6.79
C GLU D 148 23.45 32.17 -6.65
N LEU D 149 23.43 31.47 -7.78
CA LEU D 149 22.88 30.14 -7.81
C LEU D 149 23.94 29.15 -8.23
N MET D 150 23.96 28.01 -7.53
CA MET D 150 24.86 26.92 -7.84
C MET D 150 24.10 25.64 -7.95
N CYS D 151 24.26 24.99 -9.09
CA CYS D 151 23.43 23.88 -9.46
C CYS D 151 24.23 22.79 -10.18
N THR D 152 23.71 21.58 -10.10
CA THR D 152 24.31 20.43 -10.72
C THR D 152 23.31 19.68 -11.59
N VAL D 153 23.79 18.71 -12.36
CA VAL D 153 22.93 17.88 -13.20
C VAL D 153 23.24 16.39 -12.97
N LYS D 154 22.21 15.55 -12.87
CA LYS D 154 22.43 14.11 -12.63
C LYS D 154 21.68 13.20 -13.61
N THR D 155 22.10 11.92 -13.63
CA THR D 155 21.59 10.89 -14.56
C THR D 155 20.94 11.46 -15.81
N THR E 8 -4.65 -24.96 -5.69
CA THR E 8 -4.03 -23.63 -5.84
C THR E 8 -3.69 -22.99 -4.50
N GLU E 9 -4.34 -23.44 -3.43
CA GLU E 9 -4.13 -22.86 -2.11
C GLU E 9 -2.67 -22.75 -1.72
N LYS E 10 -2.26 -21.56 -1.27
CA LYS E 10 -0.96 -21.42 -0.63
C LYS E 10 -1.19 -20.66 0.69
N ILE E 11 -0.42 -21.00 1.69
CA ILE E 11 -0.63 -20.44 3.03
C ILE E 11 0.73 -20.11 3.59
N ASN E 12 0.75 -19.23 4.57
CA ASN E 12 1.96 -18.92 5.32
C ASN E 12 1.76 -19.40 6.76
N PHE E 13 2.21 -20.61 7.03
CA PHE E 13 2.09 -21.25 8.33
C PHE E 13 3.26 -22.20 8.47
N ASP E 14 4.37 -21.66 8.97
CA ASP E 14 5.65 -22.31 8.86
C ASP E 14 6.12 -22.83 10.23
N ILE E 15 7.29 -23.48 10.31
CA ILE E 15 7.70 -23.96 11.62
C ILE E 15 7.58 -22.88 12.72
N HIS E 16 7.77 -21.62 12.34
CA HIS E 16 7.76 -20.55 13.34
C HIS E 16 6.38 -20.30 13.92
N LYS E 17 5.35 -20.27 13.08
CA LYS E 17 3.99 -20.12 13.60
C LYS E 17 3.63 -21.34 14.42
N ILE E 18 4.14 -22.53 14.03
CA ILE E 18 3.83 -23.77 14.73
C ILE E 18 4.32 -23.72 16.18
N LEU E 19 5.57 -23.29 16.37
CA LEU E 19 6.15 -23.09 17.71
C LEU E 19 5.35 -22.14 18.59
N THR E 20 4.60 -21.22 17.99
CA THR E 20 3.77 -20.28 18.77
C THR E 20 2.44 -20.91 19.21
N LEU E 21 2.04 -22.02 18.58
CA LEU E 21 0.72 -22.62 18.87
C LEU E 21 0.77 -23.94 19.62
N LEU E 22 1.83 -24.72 19.38
CA LEU E 22 2.00 -26.00 20.07
C LEU E 22 2.99 -25.90 21.24
N PRO E 23 2.61 -26.45 22.39
CA PRO E 23 3.56 -26.48 23.51
C PRO E 23 4.68 -27.51 23.28
N HIS E 24 4.41 -28.49 22.41
CA HIS E 24 5.35 -29.54 22.02
C HIS E 24 6.75 -29.04 21.60
N ARG E 25 7.79 -29.67 22.13
CA ARG E 25 9.14 -29.42 21.66
C ARG E 25 9.89 -30.71 21.46
N TYR E 26 11.10 -30.57 20.97
CA TYR E 26 11.95 -31.70 20.71
C TYR E 26 12.10 -32.56 21.96
N PRO E 27 11.94 -33.88 21.84
CA PRO E 27 12.02 -34.63 20.58
C PRO E 27 10.68 -35.13 20.05
N ILE E 28 9.59 -34.53 20.51
CA ILE E 28 8.28 -34.96 20.17
C ILE E 28 7.40 -33.84 19.63
N LEU E 29 8.01 -32.87 18.95
CA LEU E 29 7.27 -31.95 18.09
C LEU E 29 7.38 -32.48 16.67
N LEU E 30 6.27 -32.97 16.12
CA LEU E 30 6.32 -33.72 14.87
C LEU E 30 5.50 -33.11 13.70
N VAL E 31 5.37 -31.79 13.68
CA VAL E 31 4.87 -31.11 12.47
C VAL E 31 5.88 -30.05 12.03
N ASP E 32 6.22 -30.03 10.76
CA ASP E 32 7.24 -29.08 10.29
C ASP E 32 6.66 -27.83 9.64
N ARG E 33 5.49 -27.96 9.00
CA ARG E 33 4.95 -26.91 8.15
C ARG E 33 3.49 -27.21 7.92
N VAL E 34 2.67 -26.19 7.77
CA VAL E 34 1.28 -26.42 7.41
C VAL E 34 1.14 -26.03 5.93
N LEU E 35 0.42 -26.81 5.14
CA LEU E 35 0.36 -26.55 3.69
C LEU E 35 -1.00 -26.02 3.25
N GLU E 36 -2.06 -26.46 3.93
CA GLU E 36 -3.41 -26.01 3.71
C GLU E 36 -4.13 -25.98 5.04
N LEU E 37 -5.14 -25.14 5.13
CA LEU E 37 -5.92 -25.05 6.35
C LEU E 37 -7.17 -24.17 6.10
N GLU E 38 -8.33 -24.80 6.32
CA GLU E 38 -9.63 -24.20 6.24
C GLU E 38 -10.17 -24.18 7.67
N PRO E 39 -10.15 -23.01 8.30
CA PRO E 39 -10.45 -22.90 9.74
C PRO E 39 -11.61 -23.78 10.23
N HIS E 40 -11.36 -24.50 11.31
CA HIS E 40 -12.37 -25.32 11.97
C HIS E 40 -12.84 -26.50 11.10
N LYS E 41 -12.31 -26.62 9.89
CA LYS E 41 -12.85 -27.62 8.98
C LYS E 41 -11.77 -28.67 8.65
N SER E 42 -10.65 -28.25 8.10
CA SER E 42 -9.66 -29.23 7.75
C SER E 42 -8.27 -28.62 7.68
N ILE E 43 -7.24 -29.47 7.74
CA ILE E 43 -5.83 -29.05 7.66
C ILE E 43 -5.01 -30.07 6.86
N LYS E 44 -4.15 -29.58 5.97
CA LYS E 44 -3.11 -30.43 5.40
C LYS E 44 -1.76 -29.96 5.98
N ALA E 45 -1.03 -30.83 6.69
CA ALA E 45 0.27 -30.42 7.24
C ALA E 45 1.37 -31.33 6.74
N LEU E 46 2.61 -31.06 7.17
CA LEU E 46 3.78 -31.75 6.68
C LEU E 46 4.80 -32.06 7.76
N LYS E 47 5.22 -33.32 7.75
CA LYS E 47 6.18 -33.88 8.66
C LYS E 47 7.25 -34.58 7.84
N ASN E 48 8.45 -34.03 7.87
CA ASN E 48 9.58 -34.59 7.12
C ASN E 48 10.23 -35.71 7.94
N VAL E 49 10.54 -36.81 7.26
CA VAL E 49 11.13 -37.96 7.92
C VAL E 49 12.58 -38.11 7.51
N THR E 50 13.50 -38.01 8.47
CA THR E 50 14.94 -38.11 8.16
C THR E 50 15.63 -39.12 9.10
N VAL E 51 16.72 -39.73 8.63
CA VAL E 51 17.42 -40.76 9.40
C VAL E 51 17.97 -40.16 10.69
N ASN E 52 18.13 -38.84 10.66
CA ASN E 52 18.72 -38.07 11.74
C ASN E 52 17.75 -37.77 12.86
N GLU E 53 16.78 -38.60 13.11
CA GLU E 53 15.83 -38.25 14.16
C GLU E 53 16.14 -39.20 15.27
N PRO E 54 15.96 -38.76 16.52
CA PRO E 54 16.47 -39.57 17.64
C PRO E 54 15.88 -40.98 17.78
N PHE E 55 14.69 -41.26 17.25
CA PHE E 55 14.07 -42.56 17.50
C PHE E 55 14.61 -43.63 16.56
N PHE E 56 15.23 -43.23 15.46
CA PHE E 56 15.64 -44.23 14.47
C PHE E 56 16.80 -45.17 14.94
N THR E 57 17.69 -44.67 15.79
CA THR E 57 18.78 -45.51 16.30
C THR E 57 18.25 -46.71 17.11
N GLY E 58 17.07 -46.55 17.74
CA GLY E 58 16.46 -47.61 18.53
C GLY E 58 15.30 -48.30 17.81
N HIS E 59 14.94 -47.86 16.60
CA HIS E 59 13.75 -48.38 15.93
C HIS E 59 13.89 -48.53 14.40
N PHE E 60 14.62 -49.54 13.96
CA PHE E 60 15.37 -50.40 14.85
C PHE E 60 16.83 -50.31 14.40
N PRO E 61 17.72 -50.78 15.26
CA PRO E 61 19.16 -50.58 15.05
C PRO E 61 19.66 -50.94 13.65
N LYS E 62 19.23 -52.06 13.10
CA LYS E 62 19.76 -52.41 11.81
C LYS E 62 18.93 -51.82 10.64
N ARG E 63 17.68 -51.42 10.94
CA ARG E 63 16.71 -51.08 9.91
C ARG E 63 15.75 -49.97 10.32
N PRO E 64 15.96 -48.75 9.78
CA PRO E 64 15.07 -47.67 10.23
C PRO E 64 13.63 -47.85 9.83
N VAL E 65 12.74 -47.64 10.79
CA VAL E 65 11.31 -47.79 10.64
C VAL E 65 10.63 -46.73 11.49
N MET E 66 9.84 -45.87 10.88
CA MET E 66 9.17 -44.89 11.68
C MET E 66 8.13 -45.58 12.53
N PRO E 67 8.18 -45.38 13.84
CA PRO E 67 7.14 -46.11 14.56
C PRO E 67 5.75 -45.59 14.19
N GLY E 68 4.78 -46.46 13.96
CA GLY E 68 3.44 -46.01 13.70
C GLY E 68 2.86 -45.15 14.82
N VAL E 69 3.19 -45.41 16.07
CA VAL E 69 2.58 -44.58 17.14
C VAL E 69 2.99 -43.11 16.96
N LEU E 70 4.11 -42.85 16.29
CA LEU E 70 4.53 -41.47 16.07
C LEU E 70 3.86 -40.85 14.83
N ILE E 71 3.49 -41.69 13.87
CA ILE E 71 2.65 -41.23 12.79
C ILE E 71 1.31 -40.73 13.39
N ILE E 72 0.75 -41.46 14.36
CA ILE E 72 -0.46 -41.02 15.04
C ILE E 72 -0.26 -39.70 15.78
N GLU E 73 0.87 -39.63 16.51
CA GLU E 73 1.28 -38.43 17.27
C GLU E 73 1.41 -37.23 16.35
N ALA E 74 2.01 -37.44 15.17
CA ALA E 74 2.06 -36.40 14.13
C ALA E 74 0.66 -35.87 13.70
N LEU E 75 -0.28 -36.78 13.40
CA LEU E 75 -1.61 -36.35 12.99
C LEU E 75 -2.33 -35.62 14.11
N ALA E 76 -2.15 -36.10 15.33
CA ALA E 76 -2.84 -35.51 16.48
C ALA E 76 -2.40 -34.07 16.65
N GLN E 77 -1.13 -33.82 16.36
CA GLN E 77 -0.56 -32.51 16.47
C GLN E 77 -1.13 -31.59 15.42
N ALA E 78 -1.17 -32.05 14.19
CA ALA E 78 -1.92 -31.38 13.12
C ALA E 78 -3.37 -31.06 13.54
N ALA E 79 -4.06 -31.96 14.21
CA ALA E 79 -5.41 -31.65 14.71
C ALA E 79 -5.40 -30.49 15.76
N ALA E 80 -4.44 -30.52 16.66
CA ALA E 80 -4.18 -29.38 17.56
C ALA E 80 -4.02 -28.08 16.79
N LEU E 81 -3.10 -28.07 15.82
CA LEU E 81 -2.93 -26.92 14.95
C LEU E 81 -4.30 -26.42 14.46
N LEU E 82 -5.10 -27.31 13.87
CA LEU E 82 -6.40 -26.96 13.32
C LEU E 82 -7.34 -26.41 14.39
N THR E 83 -7.28 -26.98 15.59
CA THR E 83 -8.04 -26.51 16.74
C THR E 83 -7.62 -25.11 17.22
N PHE E 84 -6.34 -24.77 17.09
CA PHE E 84 -5.78 -23.57 17.73
C PHE E 84 -5.55 -22.45 16.72
N ALA E 85 -5.69 -22.74 15.43
CA ALA E 85 -5.36 -21.77 14.40
C ALA E 85 -6.51 -20.78 14.13
N LEU E 96 -2.01 -27.05 27.10
CA LEU E 96 -1.56 -28.46 26.97
C LEU E 96 -2.53 -29.41 26.25
N TYR E 97 -1.97 -30.40 25.54
CA TYR E 97 -2.75 -31.27 24.63
C TYR E 97 -2.83 -32.76 24.98
N TYR E 98 -4.03 -33.21 25.36
CA TYR E 98 -4.24 -34.61 25.76
C TYR E 98 -5.08 -35.43 24.78
N PHE E 99 -4.45 -36.48 24.26
CA PHE E 99 -5.13 -37.54 23.52
C PHE E 99 -6.20 -38.16 24.38
N VAL E 100 -7.41 -38.31 23.85
CA VAL E 100 -8.43 -39.05 24.60
C VAL E 100 -8.70 -40.45 24.02
N GLY E 101 -8.70 -40.56 22.69
CA GLY E 101 -8.99 -41.82 22.04
C GLY E 101 -8.33 -41.95 20.67
N ILE E 102 -7.97 -43.16 20.30
CA ILE E 102 -7.67 -43.52 18.92
C ILE E 102 -8.66 -44.65 18.55
N ASP E 103 -9.23 -44.58 17.35
CA ASP E 103 -10.02 -45.71 16.86
C ASP E 103 -9.77 -45.98 15.40
N ASN E 104 -10.05 -47.22 14.96
CA ASN E 104 -9.91 -47.62 13.55
C ASN E 104 -8.64 -47.11 12.89
N ALA E 105 -7.54 -47.22 13.61
CA ALA E 105 -6.23 -46.93 13.08
C ALA E 105 -5.69 -48.14 12.34
N ARG E 106 -5.17 -47.88 11.16
CA ARG E 106 -4.66 -48.90 10.30
C ARG E 106 -3.40 -48.35 9.69
N PHE E 107 -2.40 -49.21 9.56
CA PHE E 107 -1.13 -48.78 9.04
C PHE E 107 -0.88 -49.58 7.79
N LYS E 108 -0.70 -48.88 6.69
CA LYS E 108 -0.63 -49.51 5.38
C LYS E 108 0.75 -49.46 4.72
N ARG E 109 1.64 -48.62 5.22
CA ARG E 109 2.98 -48.61 4.67
C ARG E 109 3.89 -48.33 5.78
N VAL E 110 5.10 -48.85 5.62
CA VAL E 110 6.17 -48.57 6.53
C VAL E 110 6.77 -47.27 6.09
N VAL E 111 6.82 -46.30 7.00
CA VAL E 111 7.37 -44.99 6.67
C VAL E 111 8.87 -44.94 6.95
N GLU E 112 9.68 -44.42 6.02
CA GLU E 112 11.14 -44.37 6.20
C GLU E 112 11.80 -43.02 5.96
N PRO E 113 13.05 -42.86 6.44
CA PRO E 113 13.91 -41.73 6.05
C PRO E 113 13.79 -41.39 4.56
N GLY E 114 13.54 -40.12 4.26
CA GLY E 114 13.34 -39.70 2.89
C GLY E 114 11.89 -39.38 2.62
N ASP E 115 10.93 -40.01 3.29
CA ASP E 115 9.54 -39.68 3.05
C ASP E 115 9.12 -38.31 3.59
N GLN E 116 8.29 -37.64 2.81
CA GLN E 116 7.48 -36.55 3.31
C GLN E 116 6.14 -37.11 3.66
N LEU E 117 5.82 -36.97 4.94
CA LEU E 117 4.60 -37.52 5.46
C LEU E 117 3.61 -36.35 5.43
N ILE E 118 2.68 -36.37 4.47
CA ILE E 118 1.55 -35.42 4.45
C ILE E 118 0.42 -35.79 5.45
N LEU E 119 0.08 -34.86 6.34
CA LEU E 119 -0.88 -35.16 7.40
C LEU E 119 -2.23 -34.47 7.12
N ASN E 120 -3.26 -35.27 6.87
CA ASN E 120 -4.57 -34.73 6.54
C ASN E 120 -5.52 -34.94 7.72
N VAL E 121 -6.08 -33.88 8.25
CA VAL E 121 -6.98 -34.02 9.40
C VAL E 121 -8.25 -33.24 9.13
N THR E 122 -9.37 -33.90 9.41
CA THR E 122 -10.69 -33.34 9.19
C THR E 122 -11.45 -33.28 10.50
N PHE E 123 -11.97 -32.11 10.82
CA PHE E 123 -12.76 -32.00 12.03
C PHE E 123 -14.08 -32.75 11.82
N GLU E 124 -14.72 -33.20 12.89
CA GLU E 124 -15.96 -33.97 12.75
C GLU E 124 -16.95 -33.87 13.97
N ARG E 125 -16.52 -33.56 15.20
CA ARG E 125 -17.44 -33.23 16.34
C ARG E 125 -16.75 -32.74 17.64
N TYR E 126 -17.45 -31.89 18.42
CA TYR E 126 -16.97 -31.48 19.76
C TYR E 126 -18.04 -31.66 20.83
N ILE E 127 -18.13 -32.85 21.42
CA ILE E 127 -19.06 -33.09 22.53
C ILE E 127 -18.35 -32.98 23.88
N ARG E 128 -18.86 -32.10 24.74
CA ARG E 128 -18.46 -32.08 26.13
C ARG E 128 -16.95 -32.09 26.27
N GLY E 129 -16.28 -31.30 25.45
CA GLY E 129 -14.83 -31.14 25.54
C GLY E 129 -13.97 -32.17 24.81
N ILE E 130 -14.60 -33.00 23.99
CA ILE E 130 -13.88 -33.98 23.20
C ILE E 130 -14.04 -33.79 21.68
N TRP E 131 -13.05 -33.11 21.08
CA TRP E 131 -12.95 -32.96 19.63
C TRP E 131 -12.69 -34.36 19.03
N LYS E 132 -13.40 -34.72 17.95
CA LYS E 132 -13.15 -35.98 17.22
C LYS E 132 -12.77 -35.65 15.78
N PHE E 133 -11.70 -36.24 15.28
CA PHE E 133 -11.26 -35.96 13.92
C PHE E 133 -11.08 -37.26 13.14
N LYS E 134 -11.05 -37.17 11.82
CA LYS E 134 -10.66 -38.26 10.95
C LYS E 134 -9.33 -37.81 10.35
N ALA E 135 -8.35 -38.70 10.35
CA ALA E 135 -7.00 -38.37 9.95
C ALA E 135 -6.42 -39.35 8.95
N VAL E 136 -5.63 -38.84 8.02
CA VAL E 136 -4.97 -39.70 7.04
C VAL E 136 -3.58 -39.19 6.76
N ALA E 137 -2.58 -40.06 6.91
CA ALA E 137 -1.19 -39.68 6.64
C ALA E 137 -0.80 -40.31 5.35
N GLU E 138 -0.22 -39.54 4.44
CA GLU E 138 0.18 -40.08 3.15
C GLU E 138 1.65 -39.89 2.83
N VAL E 139 2.16 -40.78 2.00
CA VAL E 139 3.50 -40.67 1.45
C VAL E 139 3.38 -40.87 -0.06
N ASP E 140 3.97 -39.99 -0.85
CA ASP E 140 3.91 -40.09 -2.29
C ASP E 140 2.54 -40.47 -2.78
N GLY E 141 1.52 -39.77 -2.31
CA GLY E 141 0.14 -40.02 -2.72
C GLY E 141 -0.59 -41.27 -2.25
N LYS E 142 0.14 -42.26 -1.73
CA LYS E 142 -0.51 -43.46 -1.21
C LYS E 142 -0.77 -43.28 0.32
N VAL E 143 -1.82 -43.89 0.86
CA VAL E 143 -2.08 -43.91 2.32
C VAL E 143 -1.01 -44.69 3.11
N ALA E 144 -0.46 -44.05 4.15
CA ALA E 144 0.56 -44.68 4.98
C ALA E 144 -0.07 -45.13 6.29
N ALA E 145 -0.99 -44.33 6.79
CA ALA E 145 -1.73 -44.67 7.99
C ALA E 145 -3.03 -43.84 8.04
N GLU E 146 -4.01 -44.29 8.81
CA GLU E 146 -5.30 -43.59 8.93
C GLU E 146 -5.92 -43.93 10.27
N ALA E 147 -6.63 -42.97 10.88
CA ALA E 147 -7.29 -43.25 12.15
C ALA E 147 -8.35 -42.19 12.50
N GLU E 148 -9.18 -42.51 13.49
CA GLU E 148 -10.07 -41.56 14.13
C GLU E 148 -9.52 -41.09 15.46
N LEU E 149 -9.34 -39.78 15.63
CA LEU E 149 -8.68 -39.23 16.82
C LEU E 149 -9.67 -38.51 17.73
N MET E 150 -9.47 -38.60 19.05
CA MET E 150 -10.31 -37.88 20.01
CA MET E 150 -10.31 -37.87 20.01
C MET E 150 -9.41 -37.18 21.03
N CYS E 151 -9.52 -35.85 21.09
CA CYS E 151 -8.62 -35.07 21.95
C CYS E 151 -9.36 -34.10 22.88
N THR E 152 -8.68 -33.69 23.95
CA THR E 152 -9.18 -32.64 24.83
C THR E 152 -8.00 -31.78 25.28
N VAL E 153 -8.30 -30.54 25.66
CA VAL E 153 -7.27 -29.64 26.16
C VAL E 153 -7.50 -29.35 27.64
N LYS E 154 -6.45 -28.94 28.36
CA LYS E 154 -6.56 -28.44 29.73
C LYS E 154 -5.39 -27.52 30.06
N ILE F 11 -10.41 55.11 -12.42
CA ILE F 11 -10.14 54.20 -11.29
C ILE F 11 -9.34 52.94 -11.71
N ASN F 12 -8.47 52.45 -10.84
CA ASN F 12 -7.71 51.21 -11.12
C ASN F 12 -7.35 50.54 -9.82
N PHE F 13 -7.46 49.22 -9.70
CA PHE F 13 -7.11 48.57 -8.42
C PHE F 13 -6.50 47.18 -8.59
N ASP F 14 -6.09 46.59 -7.48
CA ASP F 14 -5.31 45.36 -7.52
C ASP F 14 -6.06 44.12 -7.02
N ILE F 15 -5.35 42.99 -7.05
CA ILE F 15 -5.92 41.73 -6.66
C ILE F 15 -6.57 41.81 -5.28
N HIS F 16 -6.02 42.66 -4.40
CA HIS F 16 -6.53 42.78 -3.03
C HIS F 16 -7.92 43.40 -2.99
N LYS F 17 -8.18 44.46 -3.81
CA LYS F 17 -9.54 45.02 -3.92
C LYS F 17 -10.41 44.01 -4.65
N ILE F 18 -9.88 43.38 -5.70
CA ILE F 18 -10.64 42.38 -6.42
C ILE F 18 -11.17 41.31 -5.48
N LEU F 19 -10.34 40.88 -4.54
CA LEU F 19 -10.73 39.80 -3.65
C LEU F 19 -11.88 40.23 -2.79
N THR F 20 -11.90 41.51 -2.40
CA THR F 20 -13.02 42.05 -1.60
C THR F 20 -14.32 42.30 -2.36
N LEU F 21 -14.31 42.13 -3.69
CA LEU F 21 -15.47 42.43 -4.53
C LEU F 21 -16.09 41.20 -5.16
N LEU F 22 -15.31 40.15 -5.40
CA LEU F 22 -15.86 38.96 -6.06
C LEU F 22 -15.91 37.79 -5.07
N PRO F 23 -16.92 36.94 -5.19
CA PRO F 23 -16.95 35.77 -4.30
C PRO F 23 -16.10 34.64 -4.85
N HIS F 24 -15.76 34.71 -6.13
CA HIS F 24 -14.97 33.66 -6.80
C HIS F 24 -13.60 33.41 -6.12
N ARG F 25 -13.24 32.14 -5.98
CA ARG F 25 -11.92 31.81 -5.50
C ARG F 25 -11.30 30.68 -6.33
N TYR F 26 -10.07 30.35 -5.98
CA TYR F 26 -9.32 29.28 -6.61
C TYR F 26 -10.14 27.97 -6.56
N PRO F 27 -10.17 27.25 -7.68
CA PRO F 27 -9.38 27.42 -8.90
C PRO F 27 -10.11 28.15 -10.04
N ILE F 28 -10.99 29.07 -9.71
CA ILE F 28 -11.74 29.75 -10.73
C ILE F 28 -11.96 31.26 -10.49
N LEU F 29 -11.01 31.89 -9.81
CA LEU F 29 -10.89 33.35 -9.77
C LEU F 29 -9.94 33.76 -10.89
N LEU F 30 -10.48 34.32 -11.96
CA LEU F 30 -9.70 34.57 -13.16
C LEU F 30 -9.48 36.05 -13.57
N VAL F 31 -9.44 36.97 -12.62
CA VAL F 31 -9.00 38.33 -12.88
C VAL F 31 -7.89 38.74 -11.89
N ASP F 32 -6.71 39.15 -12.39
CA ASP F 32 -5.60 39.47 -11.50
C ASP F 32 -5.48 40.94 -11.09
N ARG F 33 -6.03 41.82 -11.91
CA ARG F 33 -5.86 43.24 -11.72
C ARG F 33 -6.88 44.05 -12.57
N VAL F 34 -7.27 45.21 -12.04
CA VAL F 34 -8.11 46.14 -12.78
C VAL F 34 -7.20 47.26 -13.28
N LEU F 35 -7.05 47.32 -14.59
CA LEU F 35 -6.22 48.35 -15.25
C LEU F 35 -6.96 49.71 -15.39
N GLU F 36 -8.19 49.68 -15.91
CA GLU F 36 -9.05 50.89 -15.89
C GLU F 36 -10.50 50.52 -15.61
N LEU F 37 -11.15 51.34 -14.82
CA LEU F 37 -12.56 51.20 -14.54
C LEU F 37 -13.14 52.60 -14.68
N GLU F 38 -14.05 52.75 -15.65
CA GLU F 38 -14.97 53.91 -15.78
C GLU F 38 -16.33 53.44 -15.21
N PRO F 39 -16.59 53.76 -13.94
CA PRO F 39 -17.60 52.98 -13.19
C PRO F 39 -18.94 52.85 -13.87
N HIS F 40 -19.51 51.66 -13.80
CA HIS F 40 -20.81 51.45 -14.39
C HIS F 40 -20.81 51.62 -15.92
N LYS F 41 -19.65 51.90 -16.52
CA LYS F 41 -19.56 52.03 -17.98
C LYS F 41 -18.67 50.95 -18.63
N SER F 42 -17.40 50.92 -18.27
CA SER F 42 -16.48 50.01 -18.93
C SER F 42 -15.31 49.59 -18.04
N ILE F 43 -14.66 48.51 -18.44
CA ILE F 43 -13.54 48.00 -17.67
C ILE F 43 -12.48 47.37 -18.59
N LYS F 44 -11.23 47.62 -18.25
CA LYS F 44 -10.09 46.91 -18.85
C LYS F 44 -9.40 46.21 -17.71
N ALA F 45 -9.47 44.87 -17.71
CA ALA F 45 -8.84 44.09 -16.62
C ALA F 45 -7.78 43.13 -17.15
N LEU F 46 -7.01 42.57 -16.22
CA LEU F 46 -5.86 41.75 -16.59
C LEU F 46 -5.96 40.38 -15.99
N LYS F 47 -5.66 39.40 -16.83
CA LYS F 47 -5.53 38.03 -16.42
C LYS F 47 -4.24 37.46 -16.99
N ASN F 48 -3.28 37.16 -16.10
CA ASN F 48 -2.03 36.51 -16.49
C ASN F 48 -2.28 35.02 -16.74
N VAL F 49 -1.86 34.54 -17.91
CA VAL F 49 -1.89 33.11 -18.19
C VAL F 49 -0.47 32.57 -17.94
N THR F 50 -0.39 31.55 -17.10
CA THR F 50 0.86 30.85 -16.82
C THR F 50 0.65 29.32 -16.82
N VAL F 51 1.65 28.59 -17.26
CA VAL F 51 1.62 27.11 -17.30
C VAL F 51 1.34 26.58 -15.88
N ASN F 52 1.65 27.38 -14.86
CA ASN F 52 1.39 26.96 -13.49
C ASN F 52 -0.08 27.10 -13.03
N GLU F 53 -1.01 26.95 -13.95
CA GLU F 53 -2.41 26.86 -13.57
C GLU F 53 -2.92 25.43 -13.73
N PRO F 54 -3.80 25.01 -12.82
CA PRO F 54 -4.25 23.61 -12.70
C PRO F 54 -5.01 23.06 -13.93
N PHE F 55 -5.57 23.93 -14.75
CA PHE F 55 -6.27 23.42 -15.91
C PHE F 55 -5.30 23.01 -17.02
N PHE F 56 -4.10 23.57 -17.02
CA PHE F 56 -3.21 23.28 -18.14
C PHE F 56 -2.76 21.80 -18.17
N THR F 57 -2.88 21.09 -17.04
CA THR F 57 -2.35 19.73 -16.97
C THR F 57 -3.21 18.83 -17.80
N GLY F 58 -4.48 19.20 -17.94
CA GLY F 58 -5.45 18.39 -18.61
C GLY F 58 -5.88 18.96 -19.96
N HIS F 59 -5.36 20.11 -20.33
CA HIS F 59 -5.84 20.80 -21.53
C HIS F 59 -4.70 21.49 -22.25
N PHE F 60 -3.91 20.72 -23.00
CA PHE F 60 -4.05 19.28 -23.12
C PHE F 60 -2.70 18.80 -22.72
N PRO F 61 -2.64 17.56 -22.21
CA PRO F 61 -1.41 16.97 -21.67
C PRO F 61 -0.19 17.18 -22.54
N LYS F 62 -0.33 17.05 -23.86
CA LYS F 62 0.84 17.21 -24.70
C LYS F 62 1.24 18.69 -24.88
N ARG F 63 0.23 19.58 -24.82
CA ARG F 63 0.34 20.90 -25.42
C ARG F 63 -0.65 21.86 -24.77
N PRO F 64 -0.13 22.79 -23.94
CA PRO F 64 -1.03 23.68 -23.21
C PRO F 64 -1.78 24.66 -24.10
N VAL F 65 -3.08 24.78 -23.81
CA VAL F 65 -4.00 25.63 -24.55
C VAL F 65 -5.01 26.15 -23.53
N MET F 66 -5.13 27.45 -23.35
CA MET F 66 -6.13 27.93 -22.44
C MET F 66 -7.49 27.60 -23.03
N PRO F 67 -8.32 26.90 -22.26
CA PRO F 67 -9.67 26.58 -22.70
C PRO F 67 -10.48 27.86 -23.04
N GLY F 68 -11.05 27.92 -24.24
CA GLY F 68 -11.83 29.08 -24.66
C GLY F 68 -12.87 29.51 -23.61
N VAL F 69 -13.46 28.54 -22.92
CA VAL F 69 -14.53 28.85 -21.99
C VAL F 69 -14.04 29.57 -20.76
N LEU F 70 -12.79 29.32 -20.37
CA LEU F 70 -12.28 30.04 -19.21
C LEU F 70 -11.96 31.48 -19.60
N ILE F 71 -11.72 31.72 -20.89
CA ILE F 71 -11.62 33.09 -21.37
C ILE F 71 -12.95 33.80 -21.18
N ILE F 72 -14.04 33.16 -21.62
CA ILE F 72 -15.38 33.72 -21.40
C ILE F 72 -15.61 33.94 -19.91
N GLU F 73 -15.24 32.94 -19.12
CA GLU F 73 -15.40 33.04 -17.68
C GLU F 73 -14.66 34.26 -17.13
N ALA F 74 -13.43 34.47 -17.58
CA ALA F 74 -12.66 35.61 -17.11
C ALA F 74 -13.34 36.91 -17.55
N LEU F 75 -13.75 36.97 -18.81
CA LEU F 75 -14.56 38.10 -19.30
C LEU F 75 -15.79 38.37 -18.41
N ALA F 76 -16.48 37.33 -17.96
CA ALA F 76 -17.60 37.54 -17.01
C ALA F 76 -17.17 38.08 -15.64
N GLN F 77 -16.01 37.67 -15.13
CA GLN F 77 -15.64 38.20 -13.84
C GLN F 77 -15.20 39.66 -13.97
N ALA F 78 -14.66 40.01 -15.12
CA ALA F 78 -14.38 41.42 -15.34
C ALA F 78 -15.73 42.17 -15.31
N ALA F 79 -16.74 41.59 -15.97
CA ALA F 79 -18.11 42.15 -15.98
C ALA F 79 -18.73 42.28 -14.58
N ALA F 80 -18.51 41.29 -13.71
CA ALA F 80 -19.03 41.39 -12.35
C ALA F 80 -18.37 42.54 -11.60
N LEU F 81 -17.08 42.76 -11.86
CA LEU F 81 -16.33 43.85 -11.23
C LEU F 81 -16.91 45.18 -11.67
N LEU F 82 -17.31 45.22 -12.93
CA LEU F 82 -17.89 46.41 -13.50
C LEU F 82 -19.18 46.71 -12.75
N THR F 83 -20.03 45.69 -12.66
CA THR F 83 -21.24 45.69 -11.84
C THR F 83 -21.03 46.08 -10.36
N PHE F 84 -20.03 45.47 -9.70
CA PHE F 84 -19.96 45.53 -8.22
C PHE F 84 -19.14 46.71 -7.74
N ALA F 85 -18.24 47.20 -8.59
CA ALA F 85 -17.37 48.28 -8.16
C ALA F 85 -18.09 49.64 -8.25
N GLU F 86 -17.86 50.42 -7.18
CA GLU F 86 -18.54 51.68 -6.88
C GLU F 86 -20.01 51.42 -6.63
N ALA F 87 -20.30 50.54 -5.66
CA ALA F 87 -21.66 50.07 -5.40
C ALA F 87 -21.77 49.40 -4.02
N THR F 95 -23.70 37.40 -2.23
CA THR F 95 -24.14 37.98 -3.51
C THR F 95 -23.38 37.28 -4.66
N LEU F 96 -24.05 36.41 -5.39
CA LEU F 96 -23.43 35.55 -6.41
C LEU F 96 -23.72 35.98 -7.87
N TYR F 97 -22.81 35.60 -8.77
CA TYR F 97 -22.89 35.98 -10.16
C TYR F 97 -23.20 34.73 -11.00
N TYR F 98 -24.19 34.82 -11.88
CA TYR F 98 -24.59 33.66 -12.71
C TYR F 98 -24.67 34.11 -14.15
N PHE F 99 -24.43 33.19 -15.06
CA PHE F 99 -24.63 33.45 -16.48
C PHE F 99 -26.12 33.20 -16.79
N VAL F 100 -26.74 34.05 -17.62
CA VAL F 100 -28.00 33.67 -18.28
C VAL F 100 -27.88 33.46 -19.81
N GLY F 101 -26.97 34.18 -20.46
CA GLY F 101 -26.79 33.99 -21.90
C GLY F 101 -25.40 34.36 -22.38
N ILE F 102 -25.00 33.72 -23.47
CA ILE F 102 -23.80 34.11 -24.19
C ILE F 102 -24.21 34.12 -25.64
N ASP F 103 -24.12 35.25 -26.34
CA ASP F 103 -24.35 35.22 -27.79
C ASP F 103 -23.15 35.76 -28.56
N ASN F 104 -23.06 35.35 -29.83
CA ASN F 104 -22.02 35.86 -30.73
C ASN F 104 -20.62 35.79 -30.16
N ALA F 105 -20.30 34.60 -29.64
CA ALA F 105 -19.06 34.35 -28.95
C ALA F 105 -18.15 33.70 -29.98
N ARG F 106 -17.06 34.40 -30.30
CA ARG F 106 -16.16 33.91 -31.32
C ARG F 106 -14.66 33.87 -30.76
N PHE F 107 -13.95 32.78 -31.05
CA PHE F 107 -12.57 32.58 -30.56
C PHE F 107 -11.62 32.71 -31.74
N LYS F 108 -10.78 33.73 -31.75
CA LYS F 108 -9.93 33.98 -32.91
C LYS F 108 -8.43 33.58 -32.74
N ARG F 109 -7.93 33.49 -31.51
CA ARG F 109 -6.50 33.19 -31.26
C ARG F 109 -6.39 32.15 -30.16
N VAL F 110 -5.43 31.25 -30.29
CA VAL F 110 -5.10 30.33 -29.20
C VAL F 110 -4.35 31.09 -28.10
N VAL F 111 -4.79 30.98 -26.85
CA VAL F 111 -4.12 31.69 -25.75
C VAL F 111 -3.25 30.72 -24.95
N GLU F 112 -2.02 31.13 -24.62
CA GLU F 112 -1.03 30.20 -23.99
C GLU F 112 -0.33 30.81 -22.79
N PRO F 113 0.35 29.95 -21.99
CA PRO F 113 1.23 30.39 -20.89
C PRO F 113 2.18 31.45 -21.40
N GLY F 114 2.29 32.56 -20.69
CA GLY F 114 3.08 33.66 -21.21
C GLY F 114 2.24 34.84 -21.64
N ASP F 115 1.12 34.59 -22.34
CA ASP F 115 0.18 35.65 -22.71
C ASP F 115 -0.40 36.43 -21.50
N GLN F 116 -0.57 37.74 -21.67
CA GLN F 116 -1.51 38.50 -20.83
C GLN F 116 -2.86 38.70 -21.53
N LEU F 117 -3.90 38.30 -20.82
CA LEU F 117 -5.23 38.33 -21.35
C LEU F 117 -5.81 39.69 -20.95
N ILE F 118 -5.89 40.60 -21.91
CA ILE F 118 -6.57 41.86 -21.64
C ILE F 118 -8.10 41.71 -21.84
N LEU F 119 -8.80 42.04 -20.77
CA LEU F 119 -10.21 41.78 -20.57
C LEU F 119 -10.95 43.10 -20.67
N ASN F 120 -11.48 43.40 -21.85
CA ASN F 120 -12.25 44.63 -22.08
C ASN F 120 -13.74 44.34 -22.04
N VAL F 121 -14.42 44.95 -21.07
CA VAL F 121 -15.86 44.77 -20.94
C VAL F 121 -16.62 46.10 -20.84
N THR F 122 -17.66 46.23 -21.66
CA THR F 122 -18.47 47.43 -21.67
C THR F 122 -19.94 47.12 -21.36
N PHE F 123 -20.49 47.74 -20.33
CA PHE F 123 -21.91 47.56 -19.98
C PHE F 123 -22.85 48.12 -21.05
N GLU F 124 -23.88 47.34 -21.37
CA GLU F 124 -24.77 47.71 -22.46
C GLU F 124 -26.24 48.00 -22.09
N ARG F 125 -26.90 47.11 -21.34
CA ARG F 125 -28.27 47.37 -20.88
C ARG F 125 -28.56 46.55 -19.65
N TYR F 126 -29.46 47.08 -18.81
CA TYR F 126 -30.04 46.35 -17.69
C TYR F 126 -31.58 46.26 -17.85
N ILE F 127 -32.13 45.06 -17.61
CA ILE F 127 -33.53 44.76 -17.87
C ILE F 127 -33.90 43.59 -16.98
N ARG F 128 -34.82 43.82 -16.03
CA ARG F 128 -35.36 42.75 -15.17
C ARG F 128 -34.31 41.78 -14.69
N GLY F 129 -33.26 42.31 -14.06
CA GLY F 129 -32.23 41.49 -13.42
C GLY F 129 -31.11 40.99 -14.32
N ILE F 130 -31.24 41.22 -15.63
CA ILE F 130 -30.24 40.77 -16.58
C ILE F 130 -29.33 41.94 -16.93
N TRP F 131 -28.03 41.79 -16.66
CA TRP F 131 -27.03 42.76 -17.12
C TRP F 131 -26.46 42.25 -18.43
N LYS F 132 -26.42 43.09 -19.46
CA LYS F 132 -25.78 42.67 -20.70
C LYS F 132 -24.54 43.52 -21.04
N PHE F 133 -23.50 42.84 -21.54
CA PHE F 133 -22.18 43.43 -21.83
C PHE F 133 -21.65 42.97 -23.17
N LYS F 134 -20.82 43.81 -23.78
CA LYS F 134 -19.98 43.42 -24.89
C LYS F 134 -18.59 43.16 -24.30
N ALA F 135 -17.99 42.01 -24.65
CA ALA F 135 -16.73 41.56 -24.05
C ALA F 135 -15.69 41.25 -25.13
N VAL F 136 -14.49 41.79 -24.96
CA VAL F 136 -13.41 41.49 -25.90
C VAL F 136 -12.17 41.19 -25.11
N ALA F 137 -11.62 40.01 -25.36
CA ALA F 137 -10.36 39.60 -24.76
C ALA F 137 -9.25 39.73 -25.81
N GLU F 138 -8.22 40.50 -25.46
CA GLU F 138 -7.08 40.74 -26.35
C GLU F 138 -5.78 40.21 -25.74
N VAL F 139 -4.90 39.75 -26.62
CA VAL F 139 -3.54 39.37 -26.25
C VAL F 139 -2.63 40.09 -27.25
N ASP F 140 -1.68 40.88 -26.75
CA ASP F 140 -0.85 41.66 -27.66
C ASP F 140 -1.66 42.50 -28.66
N GLY F 141 -2.71 43.16 -28.19
CA GLY F 141 -3.50 44.04 -29.05
C GLY F 141 -4.27 43.37 -30.19
N LYS F 142 -4.32 42.05 -30.19
CA LYS F 142 -5.12 41.30 -31.17
C LYS F 142 -6.31 40.62 -30.43
N VAL F 143 -7.37 40.29 -31.15
CA VAL F 143 -8.56 39.83 -30.46
C VAL F 143 -8.41 38.34 -30.36
N ALA F 144 -8.51 37.84 -29.13
CA ALA F 144 -8.44 36.41 -28.88
C ALA F 144 -9.85 35.91 -28.76
N ALA F 145 -10.67 36.55 -27.94
CA ALA F 145 -12.09 36.23 -28.00
C ALA F 145 -12.97 37.45 -27.85
N GLU F 146 -14.15 37.35 -28.43
CA GLU F 146 -15.15 38.38 -28.29
C GLU F 146 -16.47 37.67 -28.06
N ALA F 147 -17.29 38.24 -27.17
CA ALA F 147 -18.60 37.67 -26.92
C ALA F 147 -19.49 38.72 -26.31
N GLU F 148 -20.80 38.49 -26.40
CA GLU F 148 -21.78 39.26 -25.67
C GLU F 148 -22.31 38.44 -24.52
N LEU F 149 -22.29 39.03 -23.34
CA LEU F 149 -22.54 38.30 -22.10
C LEU F 149 -23.78 38.80 -21.42
N MET F 150 -24.57 37.89 -20.85
CA MET F 150 -25.73 38.28 -20.08
C MET F 150 -25.72 37.55 -18.78
N CYS F 151 -25.77 38.30 -17.68
CA CYS F 151 -25.58 37.76 -16.33
C CYS F 151 -26.56 38.34 -15.29
N THR F 152 -26.79 37.59 -14.23
CA THR F 152 -27.66 38.06 -13.16
C THR F 152 -26.96 37.87 -11.83
N VAL F 153 -27.60 38.30 -10.75
CA VAL F 153 -27.04 38.32 -9.42
C VAL F 153 -28.07 37.70 -8.47
N LYS F 154 -27.67 36.89 -7.49
CA LYS F 154 -28.68 36.25 -6.65
C LYS F 154 -28.31 36.17 -5.17
N THR F 155 -29.25 35.68 -4.35
CA THR F 155 -29.15 35.58 -2.88
C THR F 155 -28.18 36.60 -2.26
N ILE G 11 9.66 23.12 26.02
CA ILE G 11 8.50 23.34 25.15
C ILE G 11 8.39 22.32 23.97
N ASN G 12 7.35 21.51 23.97
CA ASN G 12 7.04 20.59 22.88
C ASN G 12 5.57 20.85 22.49
N PHE G 13 5.31 21.25 21.24
CA PHE G 13 3.91 21.41 20.75
C PHE G 13 3.62 20.90 19.32
N ASP G 14 2.34 20.74 18.99
CA ASP G 14 1.96 20.03 17.76
C ASP G 14 1.33 20.88 16.64
N ILE G 15 0.96 20.19 15.55
CA ILE G 15 0.43 20.83 14.36
C ILE G 15 -0.73 21.78 14.68
N HIS G 16 -1.53 21.41 15.68
CA HIS G 16 -2.58 22.28 16.20
C HIS G 16 -2.06 23.62 16.83
N LYS G 17 -1.01 23.61 17.68
CA LYS G 17 -0.47 24.91 18.15
C LYS G 17 0.09 25.59 16.93
N ILE G 18 0.69 24.81 16.04
CA ILE G 18 1.34 25.40 14.87
C ILE G 18 0.35 26.19 14.04
N LEU G 19 -0.83 25.60 13.82
CA LEU G 19 -1.87 26.26 13.06
C LEU G 19 -2.30 27.62 13.68
N THR G 20 -2.24 27.73 15.01
CA THR G 20 -2.55 28.98 15.71
C THR G 20 -1.43 30.04 15.59
N LEU G 21 -0.18 29.64 15.34
CA LEU G 21 0.95 30.58 15.31
C LEU G 21 1.36 31.06 13.92
N LEU G 22 1.18 30.22 12.92
CA LEU G 22 1.55 30.57 11.56
C LEU G 22 0.28 30.78 10.69
N PRO G 23 0.33 31.73 9.76
CA PRO G 23 -0.69 31.94 8.73
C PRO G 23 -0.59 31.01 7.48
N HIS G 24 0.60 30.47 7.21
CA HIS G 24 0.79 29.60 6.05
C HIS G 24 -0.23 28.44 6.11
N ARG G 25 -0.79 28.09 4.96
CA ARG G 25 -1.67 26.95 4.87
C ARG G 25 -1.32 26.15 3.60
N TYR G 26 -1.98 25.03 3.41
CA TYR G 26 -1.78 24.19 2.25
C TYR G 26 -1.88 24.98 0.97
N PRO G 27 -0.98 24.74 0.02
CA PRO G 27 0.04 23.68 -0.04
C PRO G 27 1.41 24.14 0.36
N ILE G 28 1.51 25.00 1.36
CA ILE G 28 2.80 25.56 1.72
C ILE G 28 2.93 25.79 3.23
N LEU G 29 2.29 24.93 4.01
CA LEU G 29 2.59 24.84 5.43
C LEU G 29 3.48 23.64 5.54
N LEU G 30 4.75 23.88 5.85
CA LEU G 30 5.76 22.84 5.77
C LEU G 30 6.43 22.51 7.11
N VAL G 31 5.70 22.70 8.20
CA VAL G 31 6.16 22.28 9.51
C VAL G 31 5.05 21.49 10.22
N ASP G 32 5.35 20.24 10.61
CA ASP G 32 4.34 19.32 11.15
C ASP G 32 4.27 19.27 12.65
N ARG G 33 5.40 19.53 13.31
CA ARG G 33 5.51 19.36 14.75
C ARG G 33 6.75 20.08 15.27
N VAL G 34 6.64 20.68 16.45
CA VAL G 34 7.80 21.21 17.15
C VAL G 34 8.22 20.23 18.23
N LEU G 35 9.51 19.85 18.22
CA LEU G 35 10.07 18.92 19.21
C LEU G 35 10.84 19.61 20.34
N GLU G 36 11.44 20.76 20.08
CA GLU G 36 12.19 21.49 21.10
C GLU G 36 12.13 22.99 20.82
N LEU G 37 11.81 23.77 21.85
CA LEU G 37 11.82 25.22 21.78
C LEU G 37 12.52 25.84 22.99
N GLU G 38 13.70 26.42 22.77
CA GLU G 38 14.33 27.34 23.71
C GLU G 38 13.91 28.75 23.27
N PRO G 39 12.85 29.27 23.91
CA PRO G 39 12.13 30.47 23.43
C PRO G 39 13.01 31.64 23.03
N HIS G 40 12.73 32.21 21.86
CA HIS G 40 13.53 33.31 21.34
C HIS G 40 15.03 32.95 21.19
N LYS G 41 15.41 31.69 21.34
CA LYS G 41 16.82 31.34 21.09
C LYS G 41 16.97 30.18 20.08
N SER G 42 16.29 29.06 20.28
CA SER G 42 16.43 28.02 19.27
C SER G 42 15.20 27.16 19.22
N ILE G 43 15.06 26.40 18.14
CA ILE G 43 13.92 25.51 17.92
C ILE G 43 14.38 24.26 17.16
N LYS G 44 13.81 23.11 17.51
CA LYS G 44 13.92 21.89 16.70
C LYS G 44 12.50 21.50 16.27
N ALA G 45 12.19 21.68 14.98
CA ALA G 45 10.88 21.26 14.44
C ALA G 45 11.01 20.06 13.50
N LEU G 46 9.86 19.58 13.05
CA LEU G 46 9.81 18.36 12.26
C LEU G 46 8.98 18.61 11.01
N LYS G 47 9.42 18.01 9.92
CA LYS G 47 8.76 18.06 8.64
C LYS G 47 8.80 16.66 7.98
N ASN G 48 7.65 15.96 7.95
CA ASN G 48 7.57 14.67 7.28
C ASN G 48 7.51 14.81 5.77
N VAL G 49 8.41 14.12 5.10
CA VAL G 49 8.40 14.09 3.64
C VAL G 49 7.72 12.81 3.17
N THR G 50 6.61 12.97 2.45
CA THR G 50 5.90 11.81 1.88
C THR G 50 5.63 12.01 0.40
N VAL G 51 5.49 10.93 -0.36
CA VAL G 51 5.23 11.01 -1.80
C VAL G 51 3.81 11.54 -2.15
N ASN G 52 2.92 11.52 -1.16
CA ASN G 52 1.61 12.12 -1.30
C ASN G 52 1.59 13.65 -1.11
N GLU G 53 2.61 14.34 -1.60
CA GLU G 53 2.62 15.79 -1.43
C GLU G 53 2.51 16.31 -2.83
N PRO G 54 1.76 17.43 -3.00
CA PRO G 54 1.43 17.93 -4.33
C PRO G 54 2.63 18.34 -5.21
N PHE G 55 3.80 18.64 -4.65
CA PHE G 55 4.89 19.04 -5.55
C PHE G 55 5.56 17.84 -6.24
N PHE G 56 5.49 16.65 -5.63
CA PHE G 56 6.24 15.50 -6.11
C PHE G 56 5.81 15.06 -7.50
N THR G 57 4.57 15.27 -7.87
CA THR G 57 4.13 14.88 -9.22
C THR G 57 4.88 15.67 -10.36
N GLY G 58 5.32 16.90 -10.07
CA GLY G 58 6.02 17.71 -11.07
C GLY G 58 7.54 17.79 -10.86
N HIS G 59 8.02 17.24 -9.76
CA HIS G 59 9.41 17.39 -9.38
C HIS G 59 9.95 16.11 -8.76
N PHE G 60 10.34 15.15 -9.60
CA PHE G 60 10.15 15.19 -11.02
C PHE G 60 9.26 14.02 -11.44
N PRO G 61 8.56 14.12 -12.52
CA PRO G 61 7.82 12.95 -12.90
C PRO G 61 8.78 11.83 -13.03
N LYS G 62 8.43 10.70 -12.42
CA LYS G 62 9.21 9.49 -12.62
C LYS G 62 10.46 9.48 -11.76
N ARG G 63 10.67 10.55 -11.00
CA ARG G 63 11.62 10.51 -9.90
C ARG G 63 11.40 11.53 -8.84
N PRO G 64 10.84 11.16 -7.72
CA PRO G 64 10.56 12.19 -6.71
C PRO G 64 11.81 12.75 -6.09
N VAL G 65 11.90 14.08 -6.02
CA VAL G 65 13.01 14.83 -5.40
C VAL G 65 12.42 16.03 -4.68
N MET G 66 12.60 16.11 -3.39
CA MET G 66 12.13 17.30 -2.69
C MET G 66 12.87 18.51 -3.26
N PRO G 67 12.13 19.51 -3.72
CA PRO G 67 12.84 20.72 -4.11
C PRO G 67 13.66 21.33 -2.94
N GLY G 68 14.93 21.63 -3.16
CA GLY G 68 15.71 22.32 -2.17
C GLY G 68 15.11 23.61 -1.67
N VAL G 69 14.57 24.44 -2.55
CA VAL G 69 13.92 25.66 -2.07
C VAL G 69 12.78 25.40 -1.06
N LEU G 70 12.13 24.22 -1.07
CA LEU G 70 11.07 23.97 -0.07
C LEU G 70 11.60 23.52 1.28
N ILE G 71 12.81 22.96 1.28
CA ILE G 71 13.59 22.79 2.50
C ILE G 71 13.98 24.16 3.12
N ILE G 72 14.39 25.09 2.28
CA ILE G 72 14.66 26.43 2.75
C ILE G 72 13.35 26.95 3.37
N GLU G 73 12.20 26.71 2.70
CA GLU G 73 10.92 27.28 3.15
C GLU G 73 10.54 26.64 4.47
N ALA G 74 10.75 25.33 4.58
CA ALA G 74 10.44 24.64 5.83
C ALA G 74 11.24 25.28 6.97
N LEU G 75 12.53 25.51 6.75
CA LEU G 75 13.39 26.04 7.81
C LEU G 75 12.92 27.43 8.23
N ALA G 76 12.60 28.26 7.25
CA ALA G 76 12.08 29.60 7.54
C ALA G 76 10.80 29.59 8.39
N GLN G 77 9.98 28.55 8.26
CA GLN G 77 8.74 28.47 9.02
C GLN G 77 9.04 28.09 10.44
N ALA G 78 10.05 27.26 10.63
CA ALA G 78 10.55 26.97 11.96
C ALA G 78 11.14 28.24 12.60
N ALA G 79 11.77 29.09 11.77
CA ALA G 79 12.32 30.35 12.28
C ALA G 79 11.20 31.28 12.68
N ALA G 80 10.16 31.36 11.84
CA ALA G 80 8.97 32.14 12.16
C ALA G 80 8.36 31.71 13.50
N LEU G 81 8.31 30.40 13.77
CA LEU G 81 7.74 29.88 15.01
C LEU G 81 8.57 30.33 16.20
N LEU G 82 9.88 30.23 16.07
CA LEU G 82 10.82 30.66 17.10
C LEU G 82 10.55 32.10 17.50
N THR G 83 10.19 32.87 16.47
CA THR G 83 9.90 34.32 16.54
C THR G 83 8.53 34.65 17.15
N PHE G 84 7.52 33.85 16.83
CA PHE G 84 6.15 34.16 17.23
C PHE G 84 5.73 33.51 18.53
N ALA G 85 6.39 32.42 18.93
CA ALA G 85 5.94 31.72 20.14
C ALA G 85 6.28 32.51 21.39
N GLU G 86 5.65 32.12 22.50
CA GLU G 86 5.79 32.80 23.77
C GLU G 86 5.89 34.32 23.54
N ALA G 87 5.08 34.83 22.62
CA ALA G 87 5.10 36.24 22.23
C ALA G 87 3.70 36.68 21.76
N THR G 95 -0.96 39.52 10.29
CA THR G 95 0.40 39.25 10.75
C THR G 95 1.11 38.26 9.81
N LEU G 96 1.89 38.80 8.88
CA LEU G 96 2.56 38.01 7.84
C LEU G 96 4.11 37.91 7.99
N TYR G 97 4.66 36.98 7.23
CA TYR G 97 6.07 36.67 7.34
C TYR G 97 6.73 36.81 5.97
N TYR G 98 7.91 37.43 5.95
CA TYR G 98 8.60 37.69 4.68
C TYR G 98 10.07 37.31 4.66
N PHE G 99 10.47 36.66 3.59
CA PHE G 99 11.88 36.42 3.35
C PHE G 99 12.56 37.71 2.94
N VAL G 100 13.66 38.04 3.62
CA VAL G 100 14.51 39.14 3.22
C VAL G 100 15.79 38.63 2.55
N GLY G 101 16.31 37.50 3.01
CA GLY G 101 17.60 37.06 2.50
C GLY G 101 17.93 35.63 2.80
N ILE G 102 18.72 35.06 1.88
CA ILE G 102 19.30 33.72 2.05
C ILE G 102 20.79 33.78 1.75
N ASP G 103 21.59 33.27 2.64
CA ASP G 103 23.02 33.29 2.44
C ASP G 103 23.68 31.99 2.89
N ASN G 104 24.67 31.59 2.10
CA ASN G 104 25.45 30.40 2.40
C ASN G 104 24.55 29.16 2.44
N ALA G 105 23.66 29.06 1.48
CA ALA G 105 22.77 27.94 1.45
C ALA G 105 23.53 26.81 0.80
N ARG G 106 23.59 25.66 1.49
CA ARG G 106 24.22 24.46 0.94
C ARG G 106 23.30 23.27 1.05
N PHE G 107 23.20 22.52 -0.05
CA PHE G 107 22.35 21.34 -0.12
C PHE G 107 23.23 20.12 -0.30
N LYS G 108 23.24 19.23 0.70
CA LYS G 108 24.20 18.15 0.79
C LYS G 108 23.58 16.77 0.56
N ARG G 109 22.27 16.63 0.72
CA ARG G 109 21.62 15.38 0.36
C ARG G 109 20.36 15.65 -0.44
N VAL G 110 20.05 14.75 -1.34
CA VAL G 110 18.74 14.72 -1.94
C VAL G 110 17.76 14.17 -0.92
N VAL G 111 16.69 14.95 -0.67
CA VAL G 111 15.64 14.55 0.25
C VAL G 111 14.44 13.89 -0.45
N GLU G 112 13.95 12.79 0.13
CA GLU G 112 12.93 11.95 -0.49
C GLU G 112 11.78 11.55 0.42
N PRO G 113 10.66 11.09 -0.20
CA PRO G 113 9.55 10.48 0.53
C PRO G 113 10.10 9.46 1.50
N GLY G 114 9.61 9.44 2.73
CA GLY G 114 10.23 8.58 3.72
C GLY G 114 11.13 9.30 4.71
N ASP G 115 11.84 10.35 4.27
CA ASP G 115 12.74 11.08 5.17
C ASP G 115 11.93 11.94 6.14
N GLN G 116 12.30 11.90 7.42
CA GLN G 116 11.92 12.95 8.35
C GLN G 116 12.97 14.10 8.33
N LEU G 117 12.49 15.31 8.14
CA LEU G 117 13.38 16.43 8.22
C LEU G 117 13.35 17.06 9.55
N ILE G 118 14.48 17.06 10.20
CA ILE G 118 14.62 17.78 11.47
C ILE G 118 15.08 19.19 11.17
N LEU G 119 14.28 20.17 11.59
CA LEU G 119 14.53 21.56 11.27
C LEU G 119 15.18 22.25 12.46
N ASN G 120 16.46 22.56 12.34
CA ASN G 120 17.22 23.16 13.43
C ASN G 120 17.49 24.61 13.12
N VAL G 121 17.01 25.49 13.99
CA VAL G 121 17.13 26.92 13.80
C VAL G 121 17.55 27.62 15.12
N THR G 122 18.73 28.24 15.09
CA THR G 122 19.25 29.05 16.20
C THR G 122 19.16 30.51 15.75
N PHE G 123 18.57 31.35 16.60
CA PHE G 123 18.52 32.80 16.39
C PHE G 123 19.91 33.42 16.52
N GLU G 124 20.23 34.36 15.64
CA GLU G 124 21.60 34.87 15.56
C GLU G 124 21.69 36.41 15.71
N ARG G 125 20.73 37.19 15.23
CA ARG G 125 20.80 38.65 15.39
C ARG G 125 19.51 39.29 14.99
N TYR G 126 19.23 40.44 15.59
CA TYR G 126 18.11 41.27 15.18
C TYR G 126 18.54 42.73 14.95
N ILE G 127 18.51 43.21 13.71
CA ILE G 127 18.89 44.59 13.44
C ILE G 127 17.75 45.28 12.70
N ARG G 128 17.21 46.33 13.31
CA ARG G 128 16.28 47.25 12.65
C ARG G 128 15.21 46.58 11.76
N GLY G 129 14.47 45.62 12.30
CA GLY G 129 13.40 44.95 11.57
C GLY G 129 13.71 43.59 10.96
N ILE G 130 14.99 43.27 10.85
CA ILE G 130 15.37 42.01 10.25
C ILE G 130 15.90 40.99 11.27
N TRP G 131 15.23 39.85 11.37
CA TRP G 131 15.73 38.70 12.13
C TRP G 131 16.71 37.91 11.27
N LYS G 132 17.80 37.43 11.87
CA LYS G 132 18.70 36.53 11.18
C LYS G 132 18.82 35.21 11.94
N PHE G 133 18.91 34.11 11.19
CA PHE G 133 18.97 32.78 11.80
C PHE G 133 20.04 31.89 11.17
N LYS G 134 20.59 30.99 11.99
CA LYS G 134 21.37 29.86 11.49
C LYS G 134 20.44 28.65 11.37
N ALA G 135 20.42 28.04 10.19
CA ALA G 135 19.48 26.98 9.94
C ALA G 135 20.14 25.72 9.39
N VAL G 136 19.74 24.57 9.93
CA VAL G 136 20.24 23.27 9.46
C VAL G 136 19.13 22.26 9.40
N ALA G 137 18.99 21.61 8.24
CA ALA G 137 18.00 20.55 8.07
C ALA G 137 18.73 19.24 8.03
N GLU G 138 18.35 18.35 8.93
CA GLU G 138 18.99 17.04 9.02
C GLU G 138 18.07 15.90 8.66
N VAL G 139 18.63 14.91 7.97
CA VAL G 139 17.95 13.64 7.78
C VAL G 139 18.83 12.49 8.28
N ASP G 140 18.28 11.75 9.26
CA ASP G 140 18.95 10.58 9.83
C ASP G 140 20.28 10.96 10.43
N GLY G 141 20.36 12.14 11.04
CA GLY G 141 21.58 12.56 11.70
C GLY G 141 22.54 13.28 10.76
N LYS G 142 22.40 13.04 9.46
CA LYS G 142 23.26 13.69 8.49
C LYS G 142 22.59 15.00 7.99
N VAL G 143 23.41 16.00 7.65
CA VAL G 143 22.94 17.33 7.22
C VAL G 143 22.40 17.27 5.81
N ALA G 144 21.18 17.73 5.59
CA ALA G 144 20.63 17.74 4.24
C ALA G 144 20.79 19.12 3.64
N ALA G 145 20.67 20.14 4.47
CA ALA G 145 20.76 21.50 3.98
C ALA G 145 21.10 22.45 5.10
N GLU G 146 21.83 23.51 4.79
CA GLU G 146 22.12 24.52 5.78
C GLU G 146 22.14 25.88 5.13
N ALA G 147 21.87 26.90 5.92
CA ALA G 147 21.65 28.21 5.33
C ALA G 147 21.52 29.24 6.43
N GLU G 148 21.81 30.49 6.08
CA GLU G 148 21.57 31.61 6.95
C GLU G 148 20.36 32.37 6.40
N LEU G 149 19.41 32.66 7.28
CA LEU G 149 18.10 33.16 6.85
C LEU G 149 17.83 34.53 7.46
N MET G 150 17.37 35.45 6.65
CA MET G 150 17.04 36.79 7.12
CA MET G 150 17.03 36.81 7.10
C MET G 150 15.56 37.01 6.85
N CYS G 151 14.82 37.39 7.89
CA CYS G 151 13.37 37.52 7.80
C CYS G 151 12.83 38.73 8.51
N THR G 152 11.56 39.00 8.24
CA THR G 152 10.91 40.19 8.73
C THR G 152 9.42 39.96 8.81
N VAL G 153 8.78 40.66 9.74
CA VAL G 153 7.34 40.53 9.94
C VAL G 153 6.63 41.83 9.59
N LYS G 154 5.61 41.76 8.72
CA LYS G 154 4.92 42.96 8.22
C LYS G 154 3.43 42.88 8.51
N THR G 155 2.76 44.04 8.54
CA THR G 155 1.33 44.17 8.87
C THR G 155 0.89 43.14 9.90
N ASN H 12 16.16 -45.28 -7.64
CA ASN H 12 17.60 -45.61 -7.62
C ASN H 12 17.99 -46.38 -6.32
N PHE H 13 18.60 -45.72 -5.31
CA PHE H 13 18.81 -46.40 -4.01
C PHE H 13 18.53 -45.65 -2.71
N ASP H 14 18.12 -46.43 -1.71
CA ASP H 14 17.46 -45.92 -0.49
C ASP H 14 18.35 -45.86 0.79
N ILE H 15 17.78 -45.33 1.89
CA ILE H 15 18.49 -45.25 3.17
C ILE H 15 19.13 -46.60 3.60
N HIS H 16 18.48 -47.73 3.35
CA HIS H 16 19.13 -49.01 3.68
C HIS H 16 20.42 -49.30 2.88
N LYS H 17 20.44 -49.06 1.55
CA LYS H 17 21.70 -49.22 0.79
C LYS H 17 22.70 -48.21 1.34
N ILE H 18 22.26 -46.95 1.50
CA ILE H 18 23.14 -45.90 2.03
C ILE H 18 23.83 -46.39 3.31
N LEU H 19 23.12 -47.15 4.14
CA LEU H 19 23.66 -47.54 5.44
C LEU H 19 24.79 -48.53 5.25
N THR H 20 24.78 -49.22 4.11
CA THR H 20 25.81 -50.21 3.78
C THR H 20 27.02 -49.56 3.13
N LEU H 21 26.89 -48.30 2.69
CA LEU H 21 27.97 -47.60 2.00
C LEU H 21 28.62 -46.46 2.80
N LEU H 22 27.96 -45.98 3.84
CA LEU H 22 28.56 -44.93 4.66
C LEU H 22 28.81 -45.41 6.10
N PRO H 23 29.93 -45.01 6.70
CA PRO H 23 30.16 -45.39 8.10
C PRO H 23 29.50 -44.42 9.10
N HIS H 24 29.25 -43.19 8.65
CA HIS H 24 28.42 -42.20 9.35
C HIS H 24 27.15 -42.75 9.98
N ARG H 25 26.93 -42.41 11.24
CA ARG H 25 25.70 -42.77 11.91
C ARG H 25 25.17 -41.60 12.71
N TYR H 26 24.01 -41.80 13.30
CA TYR H 26 23.43 -40.79 14.13
C TYR H 26 24.47 -40.27 15.12
N PRO H 27 24.57 -38.94 15.28
CA PRO H 27 23.70 -37.90 14.76
C PRO H 27 24.14 -37.20 13.48
N ILE H 28 25.16 -37.70 12.84
CA ILE H 28 25.72 -36.96 11.73
C ILE H 28 25.71 -37.78 10.43
N LEU H 29 24.68 -38.63 10.25
CA LEU H 29 24.40 -39.26 8.96
C LEU H 29 23.31 -38.41 8.24
N LEU H 30 23.73 -37.66 7.22
CA LEU H 30 22.90 -36.61 6.64
C LEU H 30 22.55 -36.82 5.16
N VAL H 31 22.31 -38.06 4.79
CA VAL H 31 21.78 -38.37 3.48
C VAL H 31 20.71 -39.44 3.70
N ASP H 32 19.47 -39.11 3.30
CA ASP H 32 18.34 -40.02 3.46
C ASP H 32 18.08 -40.94 2.28
N ARG H 33 18.35 -40.44 1.08
CA ARG H 33 17.97 -41.17 -0.12
C ARG H 33 18.81 -40.68 -1.31
N VAL H 34 19.17 -41.60 -2.19
CA VAL H 34 19.78 -41.22 -3.47
C VAL H 34 18.75 -41.23 -4.60
N LEU H 35 18.49 -40.07 -5.18
CA LEU H 35 17.53 -39.94 -6.27
C LEU H 35 18.11 -40.42 -7.63
N GLU H 36 19.19 -39.79 -8.09
CA GLU H 36 19.89 -40.19 -9.31
C GLU H 36 21.36 -40.44 -9.06
N LEU H 37 21.96 -41.28 -9.90
CA LEU H 37 23.40 -41.54 -9.84
C LEU H 37 23.99 -41.96 -11.20
N GLU H 38 24.94 -41.18 -11.74
CA GLU H 38 25.72 -41.57 -12.93
C GLU H 38 27.12 -41.93 -12.47
N PRO H 39 27.35 -43.21 -12.20
CA PRO H 39 28.51 -43.74 -11.46
C PRO H 39 29.85 -43.04 -11.68
N HIS H 40 30.59 -42.83 -10.60
CA HIS H 40 31.93 -42.32 -10.70
C HIS H 40 31.95 -40.92 -11.36
N LYS H 41 30.78 -40.30 -11.52
CA LYS H 41 30.67 -39.05 -12.27
C LYS H 41 29.73 -38.00 -11.62
N SER H 42 28.45 -38.32 -11.39
CA SER H 42 27.58 -37.42 -10.60
C SER H 42 26.47 -38.11 -9.81
N ILE H 43 25.94 -37.42 -8.80
CA ILE H 43 24.83 -37.93 -7.99
C ILE H 43 23.82 -36.84 -7.58
N LYS H 44 22.56 -37.21 -7.44
CA LYS H 44 21.54 -36.34 -6.86
C LYS H 44 20.89 -37.04 -5.66
N ALA H 45 21.08 -36.45 -4.47
CA ALA H 45 20.63 -37.13 -3.27
C ALA H 45 19.71 -36.22 -2.51
N LEU H 46 19.01 -36.79 -1.53
CA LEU H 46 18.04 -36.07 -0.73
C LEU H 46 18.33 -36.16 0.78
N LYS H 47 18.25 -35.00 1.43
CA LYS H 47 18.27 -34.84 2.89
C LYS H 47 17.00 -34.11 3.37
N ASN H 48 16.08 -34.81 4.03
CA ASN H 48 14.89 -34.16 4.59
C ASN H 48 15.20 -33.37 5.85
N VAL H 49 14.68 -32.16 5.96
CA VAL H 49 14.94 -31.34 7.14
C VAL H 49 13.68 -31.21 7.95
N THR H 50 13.75 -31.60 9.22
CA THR H 50 12.58 -31.59 10.14
C THR H 50 13.03 -31.01 11.47
N VAL H 51 12.10 -30.41 12.23
CA VAL H 51 12.41 -29.72 13.48
C VAL H 51 12.98 -30.72 14.48
N ASN H 52 12.62 -31.99 14.27
CA ASN H 52 12.95 -33.07 15.20
C ASN H 52 14.38 -33.59 14.98
N GLU H 53 15.31 -32.73 14.59
CA GLU H 53 16.71 -33.13 14.56
C GLU H 53 17.43 -32.52 15.76
N PRO H 54 18.42 -33.23 16.29
CA PRO H 54 19.03 -32.80 17.57
C PRO H 54 19.72 -31.42 17.55
N PHE H 55 20.21 -30.95 16.39
CA PHE H 55 20.98 -29.72 16.39
C PHE H 55 20.07 -28.50 16.42
N PHE H 56 18.79 -28.68 16.12
CA PHE H 56 17.85 -27.56 16.07
C PHE H 56 17.63 -26.97 17.45
N THR H 57 17.77 -27.77 18.48
CA THR H 57 17.46 -27.30 19.81
C THR H 57 18.46 -26.20 20.25
N GLY H 58 19.67 -26.21 19.70
CA GLY H 58 20.63 -25.18 20.02
C GLY H 58 20.93 -24.19 18.88
N HIS H 59 20.20 -24.24 17.79
CA HIS H 59 20.60 -23.45 16.63
C HIS H 59 19.39 -23.02 15.82
N PHE H 60 18.64 -22.05 16.34
CA PHE H 60 18.89 -21.46 17.64
C PHE H 60 17.66 -21.64 18.52
N PRO H 61 17.86 -21.62 19.83
CA PRO H 61 16.77 -21.95 20.76
C PRO H 61 15.38 -21.45 20.38
N LYS H 62 15.21 -20.17 20.10
CA LYS H 62 13.86 -19.70 19.83
C LYS H 62 13.49 -19.68 18.31
N ARG H 63 14.43 -20.14 17.46
CA ARG H 63 14.28 -20.01 16.02
C ARG H 63 15.16 -20.99 15.22
N PRO H 64 14.58 -22.12 14.77
CA PRO H 64 15.38 -23.13 14.06
C PRO H 64 15.96 -22.64 12.72
N VAL H 65 17.25 -22.88 12.53
CA VAL H 65 18.00 -22.50 11.35
C VAL H 65 18.92 -23.68 11.07
N MET H 66 18.93 -24.22 9.88
CA MET H 66 19.86 -25.31 9.69
C MET H 66 21.27 -24.74 9.59
N PRO H 67 22.19 -25.26 10.41
CA PRO H 67 23.57 -24.78 10.31
C PRO H 67 24.19 -24.97 8.91
N GLY H 68 24.71 -23.89 8.37
CA GLY H 68 25.41 -23.90 7.09
C GLY H 68 26.38 -25.05 6.99
N VAL H 69 27.22 -25.21 8.00
CA VAL H 69 28.26 -26.24 7.95
C VAL H 69 27.67 -27.63 7.74
N LEU H 70 26.41 -27.84 8.16
CA LEU H 70 25.82 -29.19 8.09
C LEU H 70 25.22 -29.46 6.72
N ILE H 71 24.86 -28.39 6.02
CA ILE H 71 24.54 -28.47 4.61
C ILE H 71 25.77 -28.94 3.85
N ILE H 72 26.90 -28.30 4.15
CA ILE H 72 28.18 -28.68 3.56
C ILE H 72 28.48 -30.15 3.85
N GLU H 73 28.24 -30.59 5.08
CA GLU H 73 28.50 -31.97 5.50
C GLU H 73 27.63 -32.95 4.73
N ALA H 74 26.38 -32.58 4.49
CA ALA H 74 25.49 -33.44 3.75
C ALA H 74 25.96 -33.54 2.33
N LEU H 75 26.50 -32.45 1.78
CA LEU H 75 27.02 -32.53 0.42
C LEU H 75 28.20 -33.47 0.37
N ALA H 76 29.08 -33.36 1.36
CA ALA H 76 30.29 -34.19 1.40
C ALA H 76 29.97 -35.66 1.52
N GLN H 77 28.89 -36.00 2.20
CA GLN H 77 28.48 -37.39 2.30
C GLN H 77 27.87 -37.83 0.97
N ALA H 78 27.12 -36.92 0.33
CA ALA H 78 26.51 -37.22 -0.96
C ALA H 78 27.66 -37.57 -1.91
N ALA H 79 28.76 -36.81 -1.82
CA ALA H 79 29.99 -37.07 -2.59
C ALA H 79 30.66 -38.39 -2.20
N ALA H 80 30.72 -38.67 -0.91
CA ALA H 80 31.21 -39.96 -0.47
C ALA H 80 30.48 -41.06 -1.22
N LEU H 81 29.18 -40.89 -1.43
CA LEU H 81 28.35 -41.96 -1.96
C LEU H 81 28.71 -42.18 -3.42
N LEU H 82 28.99 -41.07 -4.09
CA LEU H 82 29.38 -41.03 -5.51
C LEU H 82 30.65 -41.85 -5.78
N THR H 83 31.51 -41.89 -4.78
CA THR H 83 32.78 -42.58 -4.80
C THR H 83 32.58 -44.06 -4.49
N PHE H 84 32.08 -44.32 -3.28
CA PHE H 84 31.98 -45.67 -2.73
C PHE H 84 31.00 -46.61 -3.48
N ALA H 85 30.29 -46.09 -4.49
CA ALA H 85 29.29 -46.91 -5.22
C ALA H 85 29.87 -47.60 -6.48
N TYR H 97 36.85 -42.34 5.65
CA TYR H 97 36.47 -41.13 4.90
C TYR H 97 36.66 -39.80 5.63
N TYR H 98 37.30 -38.83 4.98
CA TYR H 98 37.75 -37.58 5.62
C TYR H 98 37.77 -36.36 4.69
N PHE H 99 37.36 -35.23 5.24
CA PHE H 99 37.40 -33.98 4.51
C PHE H 99 38.83 -33.60 4.30
N VAL H 100 39.20 -33.24 3.09
CA VAL H 100 40.50 -32.61 2.88
C VAL H 100 40.38 -31.10 2.67
N GLY H 101 39.39 -30.63 1.91
CA GLY H 101 39.30 -29.19 1.65
C GLY H 101 37.95 -28.68 1.15
N ILE H 102 37.71 -27.37 1.24
CA ILE H 102 36.43 -26.72 0.88
C ILE H 102 36.67 -25.35 0.26
N ASP H 103 36.27 -25.16 -0.97
CA ASP H 103 36.49 -23.91 -1.64
C ASP H 103 35.27 -23.22 -2.17
N ASN H 104 35.30 -21.91 -2.19
CA ASN H 104 34.25 -21.19 -2.88
C ASN H 104 32.88 -21.57 -2.37
N ALA H 105 32.75 -21.78 -1.08
CA ALA H 105 31.48 -22.16 -0.52
C ALA H 105 30.66 -20.92 -0.16
N ARG H 106 29.52 -20.76 -0.83
CA ARG H 106 28.63 -19.64 -0.57
C ARG H 106 27.23 -20.12 -0.06
N PHE H 107 26.70 -19.42 0.93
CA PHE H 107 25.41 -19.74 1.56
C PHE H 107 24.31 -18.75 1.14
N LYS H 108 23.30 -19.23 0.41
CA LYS H 108 22.39 -18.33 -0.29
C LYS H 108 21.02 -18.26 0.38
N ARG H 109 20.57 -19.36 0.97
CA ARG H 109 19.24 -19.43 1.53
C ARG H 109 19.30 -20.08 2.88
N VAL H 110 18.72 -19.44 3.88
CA VAL H 110 18.43 -20.13 5.11
C VAL H 110 17.63 -21.41 4.85
N VAL H 111 18.07 -22.54 5.41
CA VAL H 111 17.32 -23.80 5.37
C VAL H 111 16.55 -24.05 6.67
N GLU H 112 15.31 -24.54 6.57
CA GLU H 112 14.45 -24.77 7.75
C GLU H 112 13.69 -26.11 7.76
N PRO H 113 13.10 -26.42 8.93
CA PRO H 113 12.14 -27.51 9.04
C PRO H 113 11.08 -27.43 7.94
N GLY H 114 10.98 -28.51 7.16
CA GLY H 114 10.00 -28.60 6.10
C GLY H 114 10.67 -28.69 4.75
N ASP H 115 11.87 -28.13 4.65
CA ASP H 115 12.64 -28.19 3.41
C ASP H 115 13.14 -29.58 3.14
N GLN H 116 13.20 -29.90 1.86
CA GLN H 116 13.92 -31.05 1.37
C GLN H 116 15.11 -30.47 0.71
N LEU H 117 16.27 -30.99 1.06
CA LEU H 117 17.54 -30.47 0.57
C LEU H 117 17.96 -31.42 -0.52
N ILE H 118 17.98 -30.90 -1.74
CA ILE H 118 18.45 -31.69 -2.86
C ILE H 118 19.97 -31.48 -2.97
N LEU H 119 20.70 -32.60 -2.99
CA LEU H 119 22.14 -32.62 -2.82
C LEU H 119 22.76 -33.06 -4.15
N ASN H 120 23.17 -32.09 -4.94
CA ASN H 120 23.72 -32.32 -6.28
C ASN H 120 25.25 -32.28 -6.27
N VAL H 121 25.89 -33.40 -6.65
CA VAL H 121 27.36 -33.47 -6.62
C VAL H 121 28.00 -34.12 -7.86
N THR H 122 28.96 -33.41 -8.46
CA THR H 122 29.69 -33.86 -9.64
C THR H 122 31.17 -34.16 -9.30
N PHE H 123 31.75 -35.21 -9.89
CA PHE H 123 33.22 -35.47 -9.79
C PHE H 123 33.99 -34.57 -10.75
N GLU H 124 34.94 -33.80 -10.23
CA GLU H 124 35.72 -32.89 -11.07
C GLU H 124 37.10 -33.43 -11.40
N ARG H 125 37.81 -33.89 -10.38
CA ARG H 125 39.17 -34.39 -10.58
C ARG H 125 39.62 -35.33 -9.47
N TYR H 126 40.58 -36.18 -9.78
CA TYR H 126 41.27 -36.95 -8.78
C TYR H 126 42.74 -36.71 -8.95
N ILE H 127 43.40 -36.30 -7.87
CA ILE H 127 44.83 -36.34 -7.80
C ILE H 127 45.24 -36.87 -6.43
N ARG H 128 46.11 -37.85 -6.41
CA ARG H 128 46.83 -38.11 -5.19
C ARG H 128 45.92 -38.34 -4.06
N GLY H 129 44.87 -39.10 -4.25
CA GLY H 129 43.98 -39.35 -3.13
C GLY H 129 43.13 -38.17 -2.68
N ILE H 130 43.32 -37.01 -3.28
CA ILE H 130 42.46 -35.87 -3.00
C ILE H 130 41.37 -35.77 -4.08
N TRP H 131 40.25 -36.43 -3.82
CA TRP H 131 39.06 -36.35 -4.67
C TRP H 131 38.56 -34.90 -4.63
N LYS H 132 38.10 -34.37 -5.77
CA LYS H 132 37.52 -33.02 -5.81
C LYS H 132 36.08 -33.05 -6.39
N PHE H 133 35.24 -32.08 -6.04
CA PHE H 133 33.83 -32.08 -6.47
C PHE H 133 33.29 -30.66 -6.51
N LYS H 134 32.39 -30.35 -7.46
CA LYS H 134 31.54 -29.16 -7.33
C LYS H 134 30.23 -29.67 -6.73
N ALA H 135 29.65 -28.91 -5.81
CA ALA H 135 28.49 -29.37 -5.06
C ALA H 135 27.49 -28.24 -4.89
N VAL H 136 26.22 -28.52 -5.17
CA VAL H 136 25.17 -27.52 -4.97
C VAL H 136 23.97 -28.13 -4.25
N ALA H 137 23.50 -27.43 -3.22
CA ALA H 137 22.33 -27.87 -2.47
C ALA H 137 21.17 -26.98 -2.81
N GLU H 138 20.05 -27.60 -3.19
CA GLU H 138 18.86 -26.85 -3.53
C GLU H 138 17.67 -27.15 -2.62
N VAL H 139 16.78 -26.17 -2.54
CA VAL H 139 15.53 -26.29 -1.84
C VAL H 139 14.49 -25.67 -2.78
N ASP H 140 13.53 -26.48 -3.21
CA ASP H 140 12.47 -25.95 -4.06
C ASP H 140 13.07 -25.33 -5.34
N GLY H 141 14.09 -25.98 -5.90
CA GLY H 141 14.70 -25.50 -7.14
C GLY H 141 15.67 -24.33 -7.00
N LYS H 142 15.47 -23.47 -6.01
CA LYS H 142 16.37 -22.35 -5.77
C LYS H 142 17.68 -22.88 -5.12
N VAL H 143 18.72 -22.06 -5.06
CA VAL H 143 20.01 -22.53 -4.49
C VAL H 143 20.19 -22.06 -3.05
N ALA H 144 20.54 -23.01 -2.19
CA ALA H 144 20.62 -22.74 -0.75
C ALA H 144 22.05 -22.55 -0.37
N ALA H 145 22.91 -23.40 -0.95
CA ALA H 145 24.34 -23.32 -0.70
C ALA H 145 25.07 -23.96 -1.86
N GLU H 146 26.27 -23.47 -2.16
CA GLU H 146 27.14 -24.07 -3.17
C GLU H 146 28.57 -24.19 -2.65
N ALA H 147 29.35 -25.13 -3.16
CA ALA H 147 30.69 -25.27 -2.68
C ALA H 147 31.49 -26.26 -3.52
N GLU H 148 32.82 -26.13 -3.42
CA GLU H 148 33.75 -27.13 -3.96
C GLU H 148 34.40 -27.91 -2.84
N LEU H 149 34.56 -29.20 -3.06
CA LEU H 149 34.95 -30.11 -1.99
C LEU H 149 36.17 -30.89 -2.40
N MET H 150 37.13 -31.03 -1.51
CA MET H 150 38.26 -31.90 -1.73
C MET H 150 38.23 -32.94 -0.60
N CYS H 151 38.29 -34.23 -0.93
CA CYS H 151 38.08 -35.31 0.06
C CYS H 151 38.98 -36.54 -0.16
N THR H 152 39.18 -37.35 0.90
CA THR H 152 39.93 -38.61 0.79
C THR H 152 39.35 -39.72 1.66
N VAL H 153 39.74 -40.97 1.40
CA VAL H 153 39.16 -42.11 2.10
C VAL H 153 40.18 -43.09 2.73
N LYS H 154 40.27 -43.14 4.07
CA LYS H 154 41.20 -44.04 4.79
C LYS H 154 40.44 -45.13 5.58
N LYS I 10 -27.49 2.00 -32.57
CA LYS I 10 -27.12 3.00 -31.55
C LYS I 10 -25.96 2.49 -30.64
N ILE I 11 -24.78 3.11 -30.79
CA ILE I 11 -23.58 2.73 -30.05
C ILE I 11 -23.63 3.29 -28.61
N ASN I 12 -23.26 2.47 -27.61
CA ASN I 12 -23.22 2.93 -26.21
C ASN I 12 -21.84 2.61 -25.61
N PHE I 13 -21.10 3.59 -25.08
CA PHE I 13 -19.78 3.27 -24.51
C PHE I 13 -19.35 4.04 -23.26
N ASP I 14 -18.34 3.49 -22.56
CA ASP I 14 -17.95 3.98 -21.22
C ASP I 14 -16.70 4.87 -21.12
N ILE I 15 -16.43 5.35 -19.91
CA ILE I 15 -15.28 6.23 -19.67
C ILE I 15 -13.95 5.70 -20.22
N HIS I 16 -13.78 4.38 -20.24
CA HIS I 16 -12.60 3.80 -20.87
C HIS I 16 -12.55 4.06 -22.40
N LYS I 17 -13.68 3.91 -23.08
CA LYS I 17 -13.67 4.22 -24.50
C LYS I 17 -13.45 5.71 -24.69
N ILE I 18 -14.02 6.53 -23.79
CA ILE I 18 -13.92 7.99 -23.94
C ILE I 18 -12.43 8.42 -23.91
N LEU I 19 -11.69 7.92 -22.93
CA LEU I 19 -10.25 8.20 -22.78
C LEU I 19 -9.43 7.98 -24.07
N THR I 20 -9.79 6.96 -24.85
CA THR I 20 -9.10 6.70 -26.13
C THR I 20 -9.49 7.66 -27.24
N LEU I 21 -10.55 8.41 -27.02
CA LEU I 21 -11.11 9.23 -28.10
C LEU I 21 -10.81 10.72 -27.90
N LEU I 22 -10.73 11.17 -26.66
CA LEU I 22 -10.52 12.59 -26.38
C LEU I 22 -9.16 12.78 -25.69
N PRO I 23 -8.43 13.83 -26.06
CA PRO I 23 -7.16 14.20 -25.41
C PRO I 23 -7.34 14.83 -24.00
N HIS I 24 -8.57 15.22 -23.65
CA HIS I 24 -8.85 15.94 -22.41
C HIS I 24 -8.58 15.08 -21.16
N ARG I 25 -7.96 15.69 -20.15
CA ARG I 25 -7.83 15.01 -18.87
C ARG I 25 -8.13 15.95 -17.70
N TYR I 26 -8.14 15.35 -16.53
CA TYR I 26 -8.26 16.09 -15.30
C TYR I 26 -7.38 17.33 -15.31
N PRO I 27 -7.95 18.49 -15.01
CA PRO I 27 -9.25 18.62 -14.35
C PRO I 27 -10.41 19.00 -15.27
N ILE I 28 -10.23 18.81 -16.57
CA ILE I 28 -11.16 19.32 -17.57
C ILE I 28 -11.61 18.27 -18.63
N LEU I 29 -11.71 17.00 -18.22
CA LEU I 29 -12.44 16.02 -19.01
C LEU I 29 -13.80 15.93 -18.36
N LEU I 30 -14.87 16.20 -19.12
CA LEU I 30 -16.19 16.42 -18.53
C LEU I 30 -17.30 15.60 -19.16
N VAL I 31 -16.97 14.42 -19.68
CA VAL I 31 -17.95 13.45 -20.16
C VAL I 31 -17.61 12.10 -19.55
N ASP I 32 -18.51 11.54 -18.74
CA ASP I 32 -18.25 10.26 -18.06
C ASP I 32 -18.68 9.06 -18.90
N ARG I 33 -19.78 9.21 -19.62
CA ARG I 33 -20.41 8.09 -20.31
C ARG I 33 -21.18 8.55 -21.57
N VAL I 34 -21.12 7.75 -22.62
CA VAL I 34 -21.97 7.95 -23.79
C VAL I 34 -23.13 6.97 -23.73
N LEU I 35 -24.36 7.50 -23.70
CA LEU I 35 -25.57 6.70 -23.60
C LEU I 35 -26.12 6.23 -24.94
N GLU I 36 -26.27 7.16 -25.87
CA GLU I 36 -26.66 6.79 -27.23
C GLU I 36 -25.86 7.60 -28.19
N LEU I 37 -25.46 6.98 -29.30
CA LEU I 37 -24.69 7.66 -30.33
C LEU I 37 -25.11 7.16 -31.72
N GLU I 38 -25.66 8.10 -32.50
CA GLU I 38 -25.99 7.88 -33.90
C GLU I 38 -24.84 8.47 -34.74
N PRO I 39 -23.88 7.62 -35.09
CA PRO I 39 -22.59 8.07 -35.62
C PRO I 39 -22.67 9.22 -36.61
N HIS I 40 -21.80 10.20 -36.44
CA HIS I 40 -21.74 11.39 -37.30
C HIS I 40 -23.05 12.20 -37.33
N LYS I 41 -24.02 11.85 -36.47
CA LYS I 41 -25.34 12.49 -36.51
C LYS I 41 -25.74 13.10 -35.17
N SER I 42 -25.89 12.27 -34.15
CA SER I 42 -26.15 12.81 -32.84
C SER I 42 -25.67 11.91 -31.70
N ILE I 43 -25.56 12.50 -30.51
CA ILE I 43 -25.04 11.83 -29.33
C ILE I 43 -25.79 12.23 -28.06
N LYS I 44 -26.00 11.25 -27.18
CA LYS I 44 -26.49 11.46 -25.81
C LYS I 44 -25.42 11.00 -24.80
N ALA I 45 -24.76 11.94 -24.12
CA ALA I 45 -23.72 11.60 -23.14
C ALA I 45 -24.15 12.03 -21.75
N LEU I 46 -23.39 11.60 -20.75
CA LEU I 46 -23.72 11.88 -19.36
C LEU I 46 -22.50 12.51 -18.64
N LYS I 47 -22.81 13.35 -17.65
CA LYS I 47 -21.81 14.04 -16.90
C LYS I 47 -22.31 14.16 -15.47
N ASN I 48 -21.80 13.30 -14.59
CA ASN I 48 -22.23 13.33 -13.21
C ASN I 48 -21.62 14.53 -12.50
N VAL I 49 -22.40 15.12 -11.63
CA VAL I 49 -21.96 16.29 -10.94
C VAL I 49 -21.93 15.95 -9.47
N THR I 50 -20.74 16.09 -8.89
CA THR I 50 -20.53 15.81 -7.48
C THR I 50 -19.75 16.97 -6.82
N VAL I 51 -19.92 17.13 -5.52
CA VAL I 51 -19.34 18.26 -4.78
C VAL I 51 -17.83 18.10 -4.69
N ASN I 52 -17.38 16.91 -5.01
CA ASN I 52 -16.01 16.56 -4.89
C ASN I 52 -15.23 16.79 -6.20
N GLU I 53 -15.51 17.88 -6.88
CA GLU I 53 -14.82 18.20 -8.12
C GLU I 53 -14.05 19.46 -7.84
N PRO I 54 -12.91 19.63 -8.50
CA PRO I 54 -12.02 20.69 -7.97
C PRO I 54 -12.58 22.13 -8.02
N PHE I 55 -13.48 22.46 -8.94
CA PHE I 55 -13.95 23.85 -9.03
C PHE I 55 -14.96 24.24 -7.95
N PHE I 56 -15.65 23.27 -7.36
CA PHE I 56 -16.73 23.63 -6.43
C PHE I 56 -16.21 24.43 -5.24
N THR I 57 -14.96 24.22 -4.89
CA THR I 57 -14.44 24.86 -3.70
C THR I 57 -14.37 26.38 -3.86
N GLY I 58 -14.21 26.85 -5.08
CA GLY I 58 -14.13 28.30 -5.29
C GLY I 58 -15.26 28.87 -6.14
N HIS I 59 -16.31 28.09 -6.39
CA HIS I 59 -17.45 28.52 -7.19
C HIS I 59 -18.72 27.86 -6.66
N PHE I 60 -19.24 28.29 -5.50
CA PHE I 60 -18.69 29.37 -4.68
C PHE I 60 -18.40 28.84 -3.30
N PRO I 61 -17.43 29.45 -2.59
CA PRO I 61 -17.12 28.99 -1.23
C PRO I 61 -18.37 28.76 -0.39
N LYS I 62 -19.19 29.76 -0.24
CA LYS I 62 -20.24 29.58 0.71
C LYS I 62 -21.37 28.68 0.10
N ARG I 63 -21.35 28.43 -1.23
CA ARG I 63 -22.46 27.75 -1.95
C ARG I 63 -22.14 27.12 -3.34
N PRO I 64 -22.25 25.78 -3.46
CA PRO I 64 -21.74 25.22 -4.72
C PRO I 64 -22.61 25.43 -5.93
N VAL I 65 -22.03 25.94 -7.00
CA VAL I 65 -22.75 26.22 -8.24
C VAL I 65 -21.94 25.71 -9.40
N MET I 66 -22.51 24.88 -10.27
CA MET I 66 -21.69 24.48 -11.39
C MET I 66 -21.48 25.68 -12.33
N PRO I 67 -20.22 26.04 -12.60
CA PRO I 67 -20.02 27.13 -13.54
C PRO I 67 -20.68 26.81 -14.88
N GLY I 68 -21.46 27.75 -15.40
CA GLY I 68 -22.11 27.55 -16.69
C GLY I 68 -21.15 27.41 -17.86
N VAL I 69 -20.04 28.12 -17.82
CA VAL I 69 -19.09 27.89 -18.89
C VAL I 69 -18.67 26.42 -18.90
N LEU I 70 -18.70 25.72 -17.76
CA LEU I 70 -18.28 24.31 -17.79
C LEU I 70 -19.35 23.37 -18.35
N ILE I 71 -20.63 23.75 -18.25
CA ILE I 71 -21.69 23.00 -18.93
C ILE I 71 -21.52 23.10 -20.46
N ILE I 72 -21.30 24.31 -20.95
CA ILE I 72 -20.87 24.47 -22.32
C ILE I 72 -19.65 23.56 -22.66
N GLU I 73 -18.63 23.51 -21.78
CA GLU I 73 -17.44 22.70 -22.06
C GLU I 73 -17.80 21.20 -22.18
N ALA I 74 -18.61 20.72 -21.23
CA ALA I 74 -19.14 19.35 -21.28
C ALA I 74 -19.80 19.05 -22.63
N LEU I 75 -20.71 19.93 -23.05
CA LEU I 75 -21.43 19.78 -24.32
C LEU I 75 -20.49 19.73 -25.51
N ALA I 76 -19.48 20.59 -25.51
CA ALA I 76 -18.51 20.63 -26.59
C ALA I 76 -17.65 19.39 -26.60
N GLN I 77 -17.46 18.79 -25.43
CA GLN I 77 -16.76 17.52 -25.38
C GLN I 77 -17.59 16.37 -25.96
N ALA I 78 -18.89 16.36 -25.69
CA ALA I 78 -19.82 15.43 -26.34
C ALA I 78 -19.82 15.66 -27.86
N ALA I 79 -19.75 16.93 -28.26
CA ALA I 79 -19.76 17.26 -29.68
C ALA I 79 -18.53 16.64 -30.32
N ALA I 80 -17.41 16.74 -29.61
CA ALA I 80 -16.14 16.16 -30.07
C ALA I 80 -16.19 14.62 -30.16
N LEU I 81 -16.78 13.94 -29.16
CA LEU I 81 -17.00 12.49 -29.26
C LEU I 81 -17.80 12.16 -30.54
N LEU I 82 -18.78 13.01 -30.87
CA LEU I 82 -19.63 12.77 -32.02
C LEU I 82 -18.82 12.83 -33.30
N THR I 83 -17.93 13.82 -33.35
CA THR I 83 -16.98 13.95 -34.44
C THR I 83 -15.98 12.79 -34.52
N PHE I 84 -15.29 12.53 -33.41
CA PHE I 84 -14.17 11.57 -33.36
C PHE I 84 -14.65 10.10 -33.40
N ALA I 85 -15.82 9.82 -32.81
CA ALA I 85 -16.38 8.47 -32.83
C ALA I 85 -16.67 8.03 -34.27
N GLU I 86 -16.51 6.73 -34.49
CA GLU I 86 -16.54 6.15 -35.84
C GLU I 86 -15.60 6.92 -36.75
N LEU I 96 -6.19 17.13 -30.68
CA LEU I 96 -6.69 18.30 -29.94
C LEU I 96 -7.97 18.92 -30.53
N TYR I 97 -8.84 19.40 -29.64
CA TYR I 97 -10.09 20.04 -30.01
C TYR I 97 -10.02 21.56 -29.70
N TYR I 98 -10.63 22.38 -30.56
CA TYR I 98 -10.67 23.85 -30.34
C TYR I 98 -12.08 24.48 -30.56
N PHE I 99 -12.47 25.30 -29.59
CA PHE I 99 -13.73 26.02 -29.66
C PHE I 99 -13.58 27.15 -30.67
N VAL I 100 -14.43 27.18 -31.67
CA VAL I 100 -14.45 28.33 -32.58
C VAL I 100 -15.54 29.35 -32.19
N GLY I 101 -16.78 28.90 -31.96
CA GLY I 101 -17.85 29.80 -31.57
C GLY I 101 -18.89 29.22 -30.64
N ILE I 102 -19.48 30.06 -29.78
CA ILE I 102 -20.64 29.68 -28.99
C ILE I 102 -21.75 30.65 -29.35
N ASP I 103 -22.95 30.15 -29.63
CA ASP I 103 -24.06 31.05 -29.96
C ASP I 103 -25.43 30.65 -29.41
N ASN I 104 -26.21 31.67 -29.06
CA ASN I 104 -27.54 31.46 -28.49
C ASN I 104 -27.49 30.59 -27.22
N ALA I 105 -26.43 30.70 -26.45
CA ALA I 105 -26.36 29.97 -25.19
C ALA I 105 -27.37 30.54 -24.22
N ARG I 106 -28.16 29.64 -23.64
CA ARG I 106 -29.12 30.05 -22.65
C ARG I 106 -28.96 29.14 -21.46
N PHE I 107 -28.96 29.73 -20.27
CA PHE I 107 -28.84 28.95 -19.06
C PHE I 107 -30.13 29.08 -18.25
N LYS I 108 -30.73 27.94 -17.91
CA LYS I 108 -32.07 27.93 -17.34
C LYS I 108 -32.17 27.25 -16.00
N ARG I 109 -31.10 26.66 -15.50
CA ARG I 109 -31.14 26.11 -14.15
C ARG I 109 -29.76 26.17 -13.53
N VAL I 110 -29.67 26.50 -12.25
CA VAL I 110 -28.45 26.31 -11.51
C VAL I 110 -28.27 24.80 -11.45
N VAL I 111 -27.09 24.32 -11.83
CA VAL I 111 -26.76 22.90 -11.75
C VAL I 111 -25.95 22.58 -10.49
N GLU I 112 -26.32 21.57 -9.70
CA GLU I 112 -25.62 21.32 -8.44
C GLU I 112 -25.14 19.89 -8.27
N PRO I 113 -24.34 19.63 -7.20
CA PRO I 113 -23.98 18.29 -6.73
C PRO I 113 -25.21 17.38 -6.57
N GLY I 114 -25.15 16.20 -7.21
CA GLY I 114 -26.27 15.29 -7.22
C GLY I 114 -26.91 15.19 -8.58
N ASP I 115 -26.80 16.24 -9.40
CA ASP I 115 -27.39 16.18 -10.71
C ASP I 115 -26.61 15.27 -11.60
N GLN I 116 -27.34 14.67 -12.53
CA GLN I 116 -26.76 14.00 -13.65
C GLN I 116 -27.05 14.93 -14.80
N LEU I 117 -26.10 15.11 -15.68
CA LEU I 117 -26.20 16.13 -16.70
C LEU I 117 -26.27 15.41 -18.02
N ILE I 118 -27.46 15.24 -18.55
CA ILE I 118 -27.59 14.60 -19.84
C ILE I 118 -27.14 15.55 -20.93
N LEU I 119 -26.22 15.07 -21.76
CA LEU I 119 -25.60 15.91 -22.77
C LEU I 119 -26.13 15.50 -24.15
N ASN I 120 -27.03 16.28 -24.70
CA ASN I 120 -27.58 16.01 -26.02
C ASN I 120 -26.97 16.95 -27.02
N VAL I 121 -26.39 16.38 -28.06
CA VAL I 121 -25.79 17.20 -29.11
C VAL I 121 -26.07 16.65 -30.50
N THR I 122 -26.57 17.48 -31.41
CA THR I 122 -26.77 17.02 -32.78
C THR I 122 -25.90 17.79 -33.79
N PHE I 123 -25.44 17.11 -34.80
CA PHE I 123 -24.73 17.74 -35.87
C PHE I 123 -25.62 18.59 -36.76
N GLU I 124 -25.11 19.72 -37.21
CA GLU I 124 -25.84 20.57 -38.10
C GLU I 124 -25.15 20.71 -39.44
N ARG I 125 -23.93 21.22 -39.46
CA ARG I 125 -23.24 21.53 -40.71
C ARG I 125 -21.77 21.35 -40.56
N TYR I 126 -21.06 21.21 -41.66
CA TYR I 126 -19.59 21.32 -41.68
C TYR I 126 -19.28 22.23 -42.86
N ILE I 127 -18.51 23.27 -42.60
CA ILE I 127 -18.22 24.25 -43.62
C ILE I 127 -16.77 24.64 -43.42
N ARG I 128 -15.88 23.86 -44.04
CA ARG I 128 -14.49 24.25 -44.18
C ARG I 128 -13.70 24.06 -42.89
N GLY I 129 -13.86 22.92 -42.23
CA GLY I 129 -13.13 22.65 -41.01
C GLY I 129 -13.75 23.24 -39.74
N ILE I 130 -14.92 23.86 -39.89
CA ILE I 130 -15.70 24.30 -38.74
C ILE I 130 -17.02 23.50 -38.69
N TRP I 131 -17.31 22.93 -37.54
CA TRP I 131 -18.50 22.09 -37.38
C TRP I 131 -19.53 22.87 -36.58
N LYS I 132 -20.78 22.94 -37.03
CA LYS I 132 -21.85 23.53 -36.17
C LYS I 132 -22.71 22.44 -35.51
N PHE I 133 -22.90 22.55 -34.20
CA PHE I 133 -23.70 21.56 -33.48
C PHE I 133 -24.85 22.26 -32.75
N LYS I 134 -26.00 21.59 -32.61
CA LYS I 134 -27.03 22.06 -31.69
C LYS I 134 -26.86 21.28 -30.37
N ALA I 135 -26.87 21.98 -29.23
CA ALA I 135 -26.56 21.36 -27.95
C ALA I 135 -27.51 21.73 -26.79
N VAL I 136 -27.99 20.71 -26.11
CA VAL I 136 -28.88 20.90 -24.96
C VAL I 136 -28.43 20.04 -23.80
N ALA I 137 -28.33 20.64 -22.62
CA ALA I 137 -28.02 19.88 -21.42
C ALA I 137 -29.26 19.83 -20.54
N GLU I 138 -29.61 18.62 -20.13
CA GLU I 138 -30.78 18.45 -19.28
C GLU I 138 -30.36 17.87 -17.96
N VAL I 139 -31.19 18.17 -16.97
CA VAL I 139 -31.09 17.61 -15.65
C VAL I 139 -32.51 17.22 -15.31
N ASP I 140 -32.76 15.92 -15.28
CA ASP I 140 -34.05 15.39 -14.87
C ASP I 140 -35.14 15.77 -15.83
N GLY I 141 -34.92 15.59 -17.12
CA GLY I 141 -35.94 15.94 -18.10
C GLY I 141 -36.09 17.43 -18.41
N LYS I 142 -35.74 18.30 -17.45
CA LYS I 142 -35.81 19.75 -17.67
C LYS I 142 -34.51 20.24 -18.35
N VAL I 143 -34.61 21.31 -19.13
CA VAL I 143 -33.45 21.93 -19.77
C VAL I 143 -32.65 22.86 -18.88
N ALA I 144 -31.35 22.58 -18.73
CA ALA I 144 -30.51 23.37 -17.85
C ALA I 144 -29.74 24.41 -18.65
N ALA I 145 -29.42 24.07 -19.89
CA ALA I 145 -28.72 25.01 -20.76
C ALA I 145 -28.81 24.51 -22.17
N GLU I 146 -28.70 25.43 -23.13
CA GLU I 146 -28.75 25.11 -24.57
C GLU I 146 -27.88 26.11 -25.33
N ALA I 147 -27.37 25.68 -26.47
CA ALA I 147 -26.41 26.51 -27.18
C ALA I 147 -26.07 25.89 -28.54
N GLU I 148 -25.63 26.75 -29.46
CA GLU I 148 -25.05 26.30 -30.71
C GLU I 148 -23.53 26.44 -30.60
N LEU I 149 -22.85 25.32 -30.81
CA LEU I 149 -21.41 25.26 -30.74
C LEU I 149 -20.79 25.15 -32.12
N MET I 150 -19.65 25.81 -32.33
CA MET I 150 -18.89 25.63 -33.55
C MET I 150 -17.45 25.26 -33.21
N CYS I 151 -16.92 24.23 -33.87
CA CYS I 151 -15.64 23.63 -33.44
C CYS I 151 -14.66 23.37 -34.59
N THR I 152 -13.39 23.15 -34.24
CA THR I 152 -12.41 22.62 -35.21
C THR I 152 -11.33 21.81 -34.50
N VAL I 153 -10.82 20.79 -35.20
CA VAL I 153 -9.72 19.95 -34.71
C VAL I 153 -8.40 20.44 -35.31
N LYS I 154 -7.30 20.20 -34.61
CA LYS I 154 -5.95 20.44 -35.16
C LYS I 154 -4.95 19.53 -34.45
#